data_1NDI
#
_entry.id   1NDI
#
_cell.length_a   162.260
_cell.length_b   92.050
_cell.length_c   122.900
_cell.angle_alpha   90.00
_cell.angle_beta   128.98
_cell.angle_gamma   90.00
#
_symmetry.space_group_name_H-M   'C 1 2 1'
#
loop_
_entity.id
_entity.type
_entity.pdbx_description
1 polymer 'Carnitine Acetyltransferase'
2 non-polymer 'COENZYME A'
3 water water
#
_entity_poly.entity_id   1
_entity_poly.type   'polypeptide(L)'
_entity_poly.pdbx_seq_one_letter_code
;AHQDALPRLPVPPLQQSLDYYLKALQPIVSEEEWAHTKQLVDEFQTSGGVGERLQKGLERRAKKMENWLSEWWLKTAYLQ
FRQPVVIYSSPGVILPKQDFVDLQGQLRFAAKLIEGVLDFKSMIDNETLPVEFLGGQPLCMNQYYQILSSCRVPGPKQDS
VVNFLKSKRPPTHITVVHNYQFFELDVYHSDGTPLTSDQIFVQLEKIWNSSLQSNKEPVGILTSNHRNTWAKAYNNLIKD
KVNRESVNSIQKSIFTVCLDKQVPRVSDDVYRNHVAGQMLHGGGSKFNSGNRWFDKTLQFIVAEDGSCGMVYEHAAAEGP
PIVALVDHVMEYTKKPELVRSPMVPLPMPKKLRFNITPEIKNDIEKAKQNLSIMIQDLDIMMLTFHHFGKDFPKSEKLSP
DAFIQVALQLAYYRIYGQACATYESASLRMFHLGRTDTIRSASIDSLAFVKGMGDSTVPEQQKVELLRKAVQAHRAYTDR
AIRGEAFDRHLLGLKLQAIEDLVSMPDIFMDTSYAIAMHFNLSTSQVPAKTDCVMFFGPVVPDGYGICYNPMEAHINFSV
SAYNSCAETNAARMAHYLEKALLDMRTLLQNHPRAK
;
_entity_poly.pdbx_strand_id   A,B
#
# COMPACT_ATOMS: atom_id res chain seq x y z
N ALA A 1 25.62 -43.00 4.01
CA ALA A 1 24.88 -43.65 5.13
C ALA A 1 23.97 -42.64 5.82
N HIS A 2 23.93 -41.43 5.27
CA HIS A 2 23.11 -40.36 5.80
C HIS A 2 21.69 -40.46 5.25
N GLN A 3 21.58 -40.93 4.00
CA GLN A 3 20.29 -41.10 3.33
C GLN A 3 19.52 -42.32 3.85
N ASP A 4 20.13 -43.02 4.81
CA ASP A 4 19.51 -44.20 5.41
C ASP A 4 19.04 -43.91 6.82
N ALA A 5 19.35 -42.71 7.32
CA ALA A 5 18.93 -42.31 8.66
C ALA A 5 17.65 -41.48 8.54
N LEU A 6 17.46 -40.89 7.36
CA LEU A 6 16.29 -40.08 7.07
C LEU A 6 15.02 -40.92 6.96
N PRO A 7 13.90 -40.40 7.48
CA PRO A 7 12.62 -41.13 7.42
C PRO A 7 12.05 -41.07 6.00
N ARG A 8 11.16 -42.00 5.66
CA ARG A 8 10.54 -42.04 4.34
C ARG A 8 9.25 -41.21 4.29
N LEU A 9 8.93 -40.69 3.09
CA LEU A 9 7.73 -39.88 2.89
C LEU A 9 6.47 -40.67 3.28
N PRO A 10 5.82 -40.26 4.39
CA PRO A 10 4.61 -40.94 4.85
C PRO A 10 3.41 -40.78 3.95
N VAL A 11 2.26 -41.23 4.45
CA VAL A 11 1.02 -41.09 3.72
C VAL A 11 0.01 -40.56 4.73
N PRO A 12 -0.42 -39.31 4.57
CA PRO A 12 -1.40 -38.77 5.52
C PRO A 12 -2.70 -39.59 5.48
N PRO A 13 -3.41 -39.70 6.62
CA PRO A 13 -4.67 -40.46 6.64
C PRO A 13 -5.67 -39.85 5.65
N LEU A 14 -6.38 -40.69 4.90
CA LEU A 14 -7.36 -40.22 3.90
C LEU A 14 -8.28 -39.15 4.48
N GLN A 15 -8.81 -39.42 5.67
CA GLN A 15 -9.72 -38.49 6.33
C GLN A 15 -9.02 -37.15 6.60
N GLN A 16 -7.81 -37.22 7.15
CA GLN A 16 -7.05 -36.01 7.46
C GLN A 16 -6.87 -35.12 6.24
N SER A 17 -6.28 -35.66 5.17
CA SER A 17 -6.08 -34.87 3.97
C SER A 17 -7.40 -34.34 3.43
N LEU A 18 -8.32 -35.24 3.08
CA LEU A 18 -9.60 -34.83 2.51
C LEU A 18 -10.32 -33.77 3.33
N ASP A 19 -9.92 -33.66 4.58
CA ASP A 19 -10.48 -32.65 5.47
C ASP A 19 -9.91 -31.29 5.06
N TYR A 20 -8.58 -31.19 5.04
CA TYR A 20 -7.88 -29.96 4.68
C TYR A 20 -8.21 -29.57 3.24
N TYR A 21 -8.78 -30.51 2.50
CA TYR A 21 -9.15 -30.24 1.13
C TYR A 21 -10.41 -29.39 1.16
N LEU A 22 -11.28 -29.67 2.13
CA LEU A 22 -12.52 -28.94 2.26
C LEU A 22 -12.26 -27.56 2.85
N LYS A 23 -11.56 -27.53 3.97
CA LYS A 23 -11.22 -26.29 4.66
C LYS A 23 -10.64 -25.24 3.72
N ALA A 24 -9.66 -25.65 2.93
CA ALA A 24 -8.99 -24.77 1.99
C ALA A 24 -9.82 -24.40 0.76
N LEU A 25 -10.85 -25.19 0.47
CA LEU A 25 -11.72 -24.92 -0.68
C LEU A 25 -12.78 -23.81 -0.44
N GLN A 26 -13.30 -23.74 0.78
CA GLN A 26 -14.32 -22.74 1.06
C GLN A 26 -14.04 -21.36 0.44
N PRO A 27 -12.90 -20.72 0.78
CA PRO A 27 -12.56 -19.41 0.23
C PRO A 27 -12.33 -19.23 -1.28
N ILE A 28 -12.25 -20.32 -2.05
CA ILE A 28 -12.01 -20.14 -3.48
C ILE A 28 -13.10 -20.72 -4.39
N VAL A 29 -14.04 -21.45 -3.79
CA VAL A 29 -15.17 -22.09 -4.49
C VAL A 29 -16.55 -21.66 -3.97
N SER A 30 -17.51 -21.59 -4.88
CA SER A 30 -18.88 -21.22 -4.54
C SER A 30 -19.42 -21.98 -3.33
N GLU A 31 -20.31 -21.33 -2.57
CA GLU A 31 -20.90 -21.97 -1.40
C GLU A 31 -21.86 -23.05 -1.87
N GLU A 32 -22.01 -23.12 -3.19
CA GLU A 32 -22.85 -24.10 -3.86
C GLU A 32 -22.00 -25.34 -4.10
N GLU A 33 -20.92 -25.15 -4.86
CA GLU A 33 -19.96 -26.19 -5.23
C GLU A 33 -19.32 -26.88 -4.03
N TRP A 34 -19.07 -26.12 -2.98
CA TRP A 34 -18.46 -26.67 -1.77
C TRP A 34 -19.36 -27.73 -1.14
N ALA A 35 -20.67 -27.48 -1.22
CA ALA A 35 -21.65 -28.38 -0.67
C ALA A 35 -21.58 -29.69 -1.47
N HIS A 36 -21.46 -29.56 -2.79
CA HIS A 36 -21.35 -30.72 -3.67
C HIS A 36 -20.15 -31.56 -3.25
N THR A 37 -18.97 -30.94 -3.25
CA THR A 37 -17.74 -31.62 -2.87
C THR A 37 -17.88 -32.25 -1.50
N LYS A 38 -18.59 -31.57 -0.62
CA LYS A 38 -18.81 -32.05 0.74
C LYS A 38 -19.44 -33.43 0.70
N GLN A 39 -20.49 -33.59 -0.10
CA GLN A 39 -21.17 -34.88 -0.20
C GLN A 39 -20.25 -35.90 -0.91
N LEU A 40 -19.59 -35.44 -1.96
CA LEU A 40 -18.65 -36.27 -2.72
C LEU A 40 -17.51 -36.83 -1.87
N VAL A 41 -16.93 -36.00 -1.01
CA VAL A 41 -15.84 -36.42 -0.13
C VAL A 41 -16.30 -37.45 0.94
N ASP A 42 -17.52 -37.30 1.46
CA ASP A 42 -18.01 -38.24 2.47
C ASP A 42 -18.14 -39.62 1.82
N GLU A 43 -18.61 -39.61 0.58
CA GLU A 43 -18.81 -40.82 -0.22
C GLU A 43 -17.45 -41.48 -0.50
N PHE A 44 -16.44 -40.67 -0.81
CA PHE A 44 -15.09 -41.14 -1.10
C PHE A 44 -14.51 -41.96 0.04
N GLN A 45 -14.50 -41.38 1.24
CA GLN A 45 -13.95 -42.09 2.38
C GLN A 45 -14.89 -43.01 3.14
N THR A 46 -15.92 -43.48 2.45
CA THR A 46 -16.89 -44.41 3.05
C THR A 46 -16.15 -45.71 3.37
N SER A 47 -16.36 -46.25 4.55
CA SER A 47 -15.69 -47.48 4.92
C SER A 47 -16.07 -48.64 4.00
N GLY A 48 -15.29 -48.84 2.94
CA GLY A 48 -15.53 -49.89 1.98
C GLY A 48 -15.86 -49.33 0.60
N GLY A 49 -15.28 -48.18 0.29
CA GLY A 49 -15.54 -47.56 -0.99
C GLY A 49 -14.26 -47.38 -1.77
N VAL A 50 -14.35 -46.65 -2.86
CA VAL A 50 -13.17 -46.43 -3.66
C VAL A 50 -11.98 -45.95 -2.86
N GLY A 51 -12.12 -44.76 -2.27
CA GLY A 51 -11.08 -44.14 -1.48
C GLY A 51 -10.27 -45.05 -0.58
N GLU A 52 -10.94 -45.84 0.25
CA GLU A 52 -10.31 -46.78 1.17
C GLU A 52 -9.40 -47.79 0.42
N ARG A 53 -9.79 -48.14 -0.81
CA ARG A 53 -9.02 -49.08 -1.65
C ARG A 53 -7.73 -48.45 -2.16
N LEU A 54 -7.86 -47.29 -2.80
CA LEU A 54 -6.71 -46.57 -3.33
C LEU A 54 -5.78 -46.12 -2.21
N GLN A 55 -6.34 -45.80 -1.06
CA GLN A 55 -5.49 -45.40 0.04
C GLN A 55 -4.56 -46.59 0.38
N LYS A 56 -5.10 -47.81 0.33
CA LYS A 56 -4.34 -49.04 0.62
C LYS A 56 -3.21 -49.18 -0.41
N GLY A 57 -3.47 -48.68 -1.61
CA GLY A 57 -2.48 -48.70 -2.67
C GLY A 57 -1.22 -47.91 -2.30
N LEU A 58 -1.36 -46.63 -1.98
CA LEU A 58 -0.23 -45.76 -1.60
C LEU A 58 0.45 -46.27 -0.34
N GLU A 59 -0.35 -46.92 0.53
CA GLU A 59 0.16 -47.47 1.78
C GLU A 59 0.90 -48.78 1.50
N ARG A 60 1.09 -49.09 0.21
CA ARG A 60 1.80 -50.30 -0.20
C ARG A 60 2.95 -49.88 -1.10
N ARG A 61 2.70 -48.85 -1.90
CA ARG A 61 3.69 -48.32 -2.82
C ARG A 61 4.83 -47.71 -2.01
N ALA A 62 4.68 -47.70 -0.70
CA ALA A 62 5.70 -47.12 0.15
C ALA A 62 6.63 -48.20 0.68
N LYS A 63 6.06 -49.38 0.94
CA LYS A 63 6.82 -50.53 1.45
C LYS A 63 7.66 -51.20 0.38
N LYS A 64 7.37 -50.90 -0.87
CA LYS A 64 8.11 -51.48 -1.99
C LYS A 64 8.72 -50.39 -2.87
N MET A 65 9.02 -49.25 -2.26
CA MET A 65 9.66 -48.10 -2.90
C MET A 65 10.23 -47.17 -1.84
N GLU A 66 11.40 -46.60 -2.13
CA GLU A 66 12.07 -45.66 -1.22
C GLU A 66 11.12 -44.51 -0.99
N ASN A 67 10.64 -43.97 -2.09
CA ASN A 67 9.70 -42.89 -2.04
C ASN A 67 8.61 -43.17 -3.08
N TRP A 68 7.35 -43.24 -2.62
CA TRP A 68 6.22 -43.54 -3.48
C TRP A 68 5.78 -42.42 -4.42
N LEU A 69 6.43 -41.27 -4.31
CA LEU A 69 6.07 -40.11 -5.12
C LEU A 69 7.17 -39.71 -6.09
N SER A 70 8.39 -40.15 -5.79
CA SER A 70 9.52 -39.81 -6.63
C SER A 70 9.24 -39.88 -8.11
N GLU A 71 9.12 -41.10 -8.63
CA GLU A 71 8.91 -41.31 -10.05
C GLU A 71 7.69 -40.64 -10.61
N TRP A 72 6.55 -40.82 -9.97
CA TRP A 72 5.34 -40.18 -10.44
C TRP A 72 5.47 -38.67 -10.63
N TRP A 73 5.95 -38.00 -9.58
CA TRP A 73 6.10 -36.53 -9.59
C TRP A 73 7.05 -36.00 -10.63
N LEU A 74 8.19 -36.65 -10.77
CA LEU A 74 9.20 -36.24 -11.74
C LEU A 74 8.66 -36.38 -13.14
N LYS A 75 7.96 -37.48 -13.37
CA LYS A 75 7.39 -37.80 -14.66
C LYS A 75 6.24 -36.86 -14.93
N THR A 76 5.36 -36.74 -13.95
CA THR A 76 4.18 -35.90 -14.05
C THR A 76 4.48 -34.40 -14.17
N ALA A 77 5.32 -33.87 -13.28
CA ALA A 77 5.62 -32.43 -13.28
C ALA A 77 6.55 -31.90 -14.36
N TYR A 78 7.53 -32.68 -14.79
CA TYR A 78 8.47 -32.19 -15.79
C TYR A 78 8.61 -33.03 -17.06
N LEU A 79 9.08 -34.26 -16.92
CA LEU A 79 9.29 -35.11 -18.08
C LEU A 79 8.13 -35.19 -19.08
N GLN A 80 6.89 -35.26 -18.60
CA GLN A 80 5.75 -35.33 -19.54
C GLN A 80 5.32 -33.96 -20.06
N PHE A 81 5.68 -32.88 -19.34
CA PHE A 81 5.33 -31.51 -19.74
C PHE A 81 5.92 -31.30 -21.14
N ARG A 82 5.06 -31.33 -22.16
CA ARG A 82 5.51 -31.20 -23.54
C ARG A 82 5.72 -29.77 -24.04
N GLN A 83 5.42 -28.78 -23.20
CA GLN A 83 5.63 -27.39 -23.57
C GLN A 83 7.12 -27.11 -23.50
N PRO A 84 7.56 -25.97 -24.03
CA PRO A 84 8.98 -25.65 -23.99
C PRO A 84 9.52 -25.66 -22.57
N VAL A 85 10.84 -25.68 -22.42
CA VAL A 85 11.40 -25.66 -21.07
C VAL A 85 11.56 -24.22 -20.66
N VAL A 86 11.81 -23.38 -21.66
CA VAL A 86 12.03 -21.97 -21.44
C VAL A 86 10.84 -21.20 -20.90
N ILE A 87 11.08 -20.39 -19.87
CA ILE A 87 10.02 -19.59 -19.29
C ILE A 87 8.94 -20.43 -18.64
N TYR A 88 8.65 -21.61 -19.18
CA TYR A 88 7.61 -22.44 -18.59
C TYR A 88 8.12 -23.41 -17.55
N SER A 89 9.40 -23.76 -17.61
CA SER A 89 9.92 -24.71 -16.66
C SER A 89 11.25 -24.39 -15.94
N SER A 90 12.27 -24.02 -16.72
CA SER A 90 13.60 -23.71 -16.24
C SER A 90 13.72 -22.29 -15.65
N PRO A 91 13.85 -22.19 -14.32
CA PRO A 91 13.97 -20.95 -13.53
C PRO A 91 15.28 -20.19 -13.72
N GLY A 92 15.19 -18.90 -14.04
CA GLY A 92 16.39 -18.13 -14.23
C GLY A 92 16.88 -17.62 -12.89
N VAL A 93 18.01 -16.92 -12.91
CA VAL A 93 18.58 -16.33 -11.69
C VAL A 93 19.37 -15.03 -11.99
N ILE A 94 19.31 -14.08 -11.07
CA ILE A 94 20.07 -12.84 -11.23
C ILE A 94 20.97 -12.71 -10.02
N LEU A 95 22.25 -12.55 -10.31
CA LEU A 95 23.27 -12.46 -9.28
C LEU A 95 23.85 -11.04 -9.18
N PRO A 96 24.54 -10.75 -8.07
CA PRO A 96 25.14 -9.43 -7.90
C PRO A 96 26.02 -9.08 -9.10
N LYS A 97 25.70 -7.97 -9.77
CA LYS A 97 26.47 -7.55 -10.93
C LYS A 97 27.95 -7.33 -10.60
N GLN A 98 28.82 -7.95 -11.38
CA GLN A 98 30.25 -7.84 -11.20
C GLN A 98 30.75 -6.51 -11.77
N ASP A 99 31.96 -6.10 -11.37
CA ASP A 99 32.49 -4.81 -11.80
C ASP A 99 33.41 -4.73 -13.03
N PHE A 100 33.90 -5.85 -13.53
CA PHE A 100 34.78 -5.80 -14.68
C PHE A 100 34.21 -4.93 -15.80
N VAL A 101 35.09 -4.28 -16.58
CA VAL A 101 34.66 -3.40 -17.68
C VAL A 101 35.43 -3.58 -18.99
N ASP A 102 35.73 -4.82 -19.35
CA ASP A 102 36.46 -5.13 -20.59
C ASP A 102 36.47 -6.63 -20.91
N LEU A 103 36.80 -6.98 -22.15
CA LEU A 103 36.81 -8.38 -22.57
C LEU A 103 37.83 -9.30 -21.89
N GLN A 104 38.58 -8.79 -20.91
CA GLN A 104 39.57 -9.62 -20.21
C GLN A 104 39.07 -9.84 -18.78
N GLY A 105 38.32 -8.87 -18.29
CA GLY A 105 37.76 -8.98 -16.96
C GLY A 105 36.59 -9.92 -17.00
N GLN A 106 35.88 -9.93 -18.13
CA GLN A 106 34.73 -10.81 -18.32
C GLN A 106 35.20 -12.25 -18.24
N LEU A 107 36.32 -12.53 -18.90
CA LEU A 107 36.88 -13.86 -18.88
C LEU A 107 37.45 -14.17 -17.51
N ARG A 108 38.02 -13.15 -16.88
CA ARG A 108 38.60 -13.30 -15.55
C ARG A 108 37.59 -13.90 -14.57
N PHE A 109 36.40 -13.30 -14.52
CA PHE A 109 35.32 -13.75 -13.64
C PHE A 109 34.91 -15.17 -13.99
N ALA A 110 34.66 -15.43 -15.27
CA ALA A 110 34.27 -16.75 -15.72
C ALA A 110 35.19 -17.79 -15.10
N ALA A 111 36.49 -17.52 -15.17
CA ALA A 111 37.47 -18.42 -14.60
C ALA A 111 37.23 -18.56 -13.11
N LYS A 112 37.17 -17.43 -12.42
CA LYS A 112 36.94 -17.41 -10.97
C LYS A 112 35.67 -18.16 -10.62
N LEU A 113 34.66 -18.03 -11.47
CA LEU A 113 33.39 -18.69 -11.25
C LEU A 113 33.53 -20.18 -11.43
N ILE A 114 34.18 -20.57 -12.52
CA ILE A 114 34.38 -21.99 -12.81
C ILE A 114 35.14 -22.70 -11.71
N GLU A 115 36.14 -22.03 -11.15
CA GLU A 115 36.93 -22.63 -10.08
C GLU A 115 36.08 -22.82 -8.84
N GLY A 116 35.11 -21.93 -8.65
CA GLY A 116 34.23 -22.01 -7.49
C GLY A 116 33.32 -23.23 -7.55
N VAL A 117 32.76 -23.50 -8.72
CA VAL A 117 31.88 -24.64 -8.89
C VAL A 117 32.60 -25.95 -8.55
N LEU A 118 33.78 -26.14 -9.13
CA LEU A 118 34.56 -27.37 -8.90
C LEU A 118 34.92 -27.50 -7.43
N ASP A 119 35.19 -26.35 -6.81
CA ASP A 119 35.54 -26.36 -5.41
C ASP A 119 34.33 -26.90 -4.64
N PHE A 120 33.15 -26.62 -5.18
CA PHE A 120 31.87 -27.05 -4.60
C PHE A 120 31.62 -28.53 -4.97
N LYS A 121 31.95 -28.89 -6.21
CA LYS A 121 31.77 -30.27 -6.65
C LYS A 121 32.56 -31.20 -5.76
N SER A 122 33.69 -30.71 -5.26
CA SER A 122 34.54 -31.49 -4.39
C SER A 122 33.70 -32.06 -3.27
N MET A 123 33.03 -31.17 -2.54
CA MET A 123 32.21 -31.61 -1.43
C MET A 123 31.18 -32.63 -1.91
N ILE A 124 30.70 -32.46 -3.13
CA ILE A 124 29.71 -33.38 -3.68
C ILE A 124 30.35 -34.74 -3.95
N ASP A 125 31.36 -34.76 -4.82
CA ASP A 125 32.06 -36.01 -5.15
C ASP A 125 32.67 -36.62 -3.89
N ASN A 126 33.32 -35.79 -3.10
CA ASN A 126 33.94 -36.27 -1.87
C ASN A 126 32.91 -36.52 -0.78
N GLU A 127 31.65 -36.27 -1.12
CA GLU A 127 30.52 -36.48 -0.21
C GLU A 127 30.70 -35.77 1.13
N THR A 128 31.45 -34.68 1.14
CA THR A 128 31.69 -33.93 2.36
C THR A 128 30.81 -32.67 2.42
N LEU A 129 29.55 -32.80 2.05
CA LEU A 129 28.64 -31.67 2.08
C LEU A 129 28.04 -31.57 3.50
N PRO A 130 28.04 -30.36 4.10
CA PRO A 130 27.49 -30.17 5.45
C PRO A 130 26.01 -30.52 5.51
N VAL A 131 25.58 -31.07 6.63
CA VAL A 131 24.18 -31.45 6.81
C VAL A 131 23.24 -30.25 6.88
N GLU A 132 22.28 -30.17 5.96
CA GLU A 132 21.32 -29.07 5.95
C GLU A 132 20.14 -29.44 6.85
N PHE A 133 19.70 -28.48 7.64
CA PHE A 133 18.58 -28.68 8.57
C PHE A 133 17.36 -27.85 8.23
N LEU A 134 16.20 -28.46 8.35
CA LEU A 134 14.95 -27.78 8.07
C LEU A 134 14.23 -27.68 9.41
N GLY A 135 14.90 -27.01 10.34
CA GLY A 135 14.37 -26.85 11.69
C GLY A 135 15.22 -27.64 12.65
N GLY A 136 14.78 -28.84 12.96
CA GLY A 136 15.52 -29.70 13.88
C GLY A 136 15.62 -31.12 13.36
N GLN A 137 15.66 -31.25 12.03
CA GLN A 137 15.76 -32.54 11.37
C GLN A 137 16.64 -32.43 10.12
N PRO A 138 17.36 -33.52 9.79
CA PRO A 138 18.27 -33.60 8.64
C PRO A 138 17.53 -33.56 7.33
N LEU A 139 18.17 -32.97 6.33
CA LEU A 139 17.59 -32.84 5.00
C LEU A 139 18.21 -33.78 3.99
N CYS A 140 17.39 -34.22 3.04
CA CYS A 140 17.83 -35.11 1.99
C CYS A 140 18.86 -34.38 1.14
N MET A 141 19.98 -35.04 0.85
CA MET A 141 21.03 -34.37 0.08
C MET A 141 21.12 -34.80 -1.38
N ASN A 142 20.28 -35.75 -1.76
CA ASN A 142 20.26 -36.26 -3.12
C ASN A 142 20.35 -35.25 -4.25
N GLN A 143 19.41 -34.31 -4.26
CA GLN A 143 19.37 -33.30 -5.30
C GLN A 143 20.74 -32.75 -5.70
N TYR A 144 21.72 -32.81 -4.81
CA TYR A 144 23.06 -32.30 -5.14
C TYR A 144 23.83 -33.22 -6.09
N TYR A 145 23.43 -34.49 -6.15
CA TYR A 145 24.07 -35.49 -7.00
C TYR A 145 23.30 -35.72 -8.29
N GLN A 146 22.73 -34.65 -8.84
CA GLN A 146 21.94 -34.77 -10.05
C GLN A 146 22.10 -33.55 -10.95
N ILE A 147 22.55 -32.44 -10.35
CA ILE A 147 22.71 -31.16 -11.04
C ILE A 147 23.93 -30.98 -11.93
N LEU A 148 25.00 -31.71 -11.60
CA LEU A 148 26.25 -31.61 -12.36
C LEU A 148 26.44 -32.84 -13.25
N SER A 149 27.06 -32.65 -14.41
CA SER A 149 27.31 -33.75 -15.34
C SER A 149 26.02 -34.43 -15.84
N SER A 150 24.96 -33.66 -16.02
CA SER A 150 23.66 -34.19 -16.47
C SER A 150 23.04 -33.38 -17.60
N CYS A 151 21.89 -33.81 -18.09
CA CYS A 151 21.23 -33.10 -19.19
C CYS A 151 19.91 -33.76 -19.48
N ARG A 152 18.97 -33.00 -20.01
CA ARG A 152 17.67 -33.55 -20.30
C ARG A 152 17.65 -33.87 -21.80
N VAL A 153 16.90 -34.89 -22.17
CA VAL A 153 16.84 -35.32 -23.56
C VAL A 153 15.41 -35.46 -24.08
N PRO A 154 15.16 -35.00 -25.33
CA PRO A 154 13.88 -35.03 -26.04
C PRO A 154 13.36 -36.42 -26.43
N GLY A 155 12.20 -36.80 -25.88
CA GLY A 155 11.59 -38.07 -26.20
C GLY A 155 10.29 -37.81 -26.95
N PRO A 156 9.93 -38.67 -27.90
CA PRO A 156 8.70 -38.54 -28.69
C PRO A 156 7.41 -38.60 -27.87
N LYS A 157 7.48 -39.16 -26.67
CA LYS A 157 6.30 -39.23 -25.84
C LYS A 157 6.61 -38.75 -24.43
N GLN A 158 7.83 -39.05 -23.98
CA GLN A 158 8.31 -38.69 -22.65
C GLN A 158 9.78 -38.35 -22.77
N ASP A 159 10.26 -37.46 -21.91
CA ASP A 159 11.66 -37.07 -21.96
C ASP A 159 12.51 -37.84 -20.97
N SER A 160 13.81 -37.86 -21.24
CA SER A 160 14.76 -38.57 -20.40
C SER A 160 15.87 -37.65 -19.91
N VAL A 161 16.53 -38.07 -18.82
CA VAL A 161 17.61 -37.31 -18.24
C VAL A 161 18.87 -38.16 -18.10
N VAL A 162 19.93 -37.75 -18.79
CA VAL A 162 21.20 -38.48 -18.72
C VAL A 162 22.09 -37.88 -17.63
N ASN A 163 22.61 -38.75 -16.78
CA ASN A 163 23.46 -38.34 -15.67
C ASN A 163 24.80 -39.07 -15.79
N PHE A 164 25.85 -38.30 -16.00
CA PHE A 164 27.19 -38.83 -16.14
C PHE A 164 28.04 -38.56 -14.91
N LEU A 165 27.40 -38.24 -13.79
CA LEU A 165 28.14 -37.93 -12.57
C LEU A 165 28.98 -39.12 -12.09
N LYS A 166 28.30 -40.13 -11.56
CA LYS A 166 28.95 -41.31 -11.04
C LYS A 166 29.02 -42.45 -12.06
N SER A 167 29.78 -42.21 -13.13
CA SER A 167 29.96 -43.20 -14.18
C SER A 167 31.40 -43.69 -14.15
N LYS A 168 31.75 -44.60 -15.07
CA LYS A 168 33.09 -45.17 -15.15
C LYS A 168 34.17 -44.13 -15.35
N ARG A 169 34.01 -43.27 -16.36
CA ARG A 169 34.98 -42.22 -16.64
C ARG A 169 34.39 -40.82 -16.49
N PRO A 170 34.01 -40.44 -15.27
CA PRO A 170 33.43 -39.14 -14.94
C PRO A 170 34.05 -37.99 -15.75
N PRO A 171 33.23 -37.30 -16.58
CA PRO A 171 33.75 -36.19 -17.38
C PRO A 171 34.63 -35.26 -16.56
N THR A 172 35.55 -34.56 -17.22
CA THR A 172 36.46 -33.64 -16.54
C THR A 172 36.41 -32.33 -17.29
N HIS A 173 35.49 -32.26 -18.24
CA HIS A 173 35.32 -31.07 -19.04
C HIS A 173 34.00 -30.35 -18.75
N ILE A 174 33.84 -29.18 -19.35
CA ILE A 174 32.65 -28.36 -19.22
C ILE A 174 32.38 -27.80 -20.61
N THR A 175 31.31 -27.04 -20.75
CA THR A 175 31.00 -26.46 -22.04
C THR A 175 31.12 -24.96 -21.98
N VAL A 176 31.57 -24.37 -23.09
CA VAL A 176 31.70 -22.93 -23.18
C VAL A 176 31.13 -22.49 -24.52
N VAL A 177 30.26 -21.50 -24.50
CA VAL A 177 29.66 -21.05 -25.75
C VAL A 177 29.89 -19.56 -25.98
N HIS A 178 30.56 -19.23 -27.08
CA HIS A 178 30.82 -17.84 -27.43
C HIS A 178 30.41 -17.63 -28.88
N ASN A 179 29.49 -16.71 -29.11
CA ASN A 179 29.03 -16.43 -30.47
C ASN A 179 28.26 -17.59 -31.09
N TYR A 180 27.51 -18.31 -30.26
CA TYR A 180 26.69 -19.44 -30.70
C TYR A 180 27.49 -20.73 -30.93
N GLN A 181 28.81 -20.65 -30.83
CA GLN A 181 29.67 -21.82 -31.06
C GLN A 181 30.21 -22.43 -29.78
N PHE A 182 30.01 -23.74 -29.65
CA PHE A 182 30.45 -24.51 -28.49
C PHE A 182 31.90 -24.98 -28.53
N PHE A 183 32.49 -25.10 -27.35
CA PHE A 183 33.87 -25.53 -27.12
C PHE A 183 33.91 -26.38 -25.86
N GLU A 184 34.80 -27.38 -25.85
CA GLU A 184 34.98 -28.27 -24.71
C GLU A 184 36.12 -27.72 -23.87
N LEU A 185 36.14 -28.03 -22.58
CA LEU A 185 37.22 -27.53 -21.74
C LEU A 185 37.46 -28.32 -20.46
N ASP A 186 38.57 -29.06 -20.45
CA ASP A 186 38.94 -29.86 -19.29
C ASP A 186 39.44 -28.96 -18.18
N VAL A 187 39.13 -29.35 -16.95
CA VAL A 187 39.55 -28.59 -15.78
C VAL A 187 40.21 -29.49 -14.73
N TYR A 188 40.80 -30.59 -15.19
CA TYR A 188 41.50 -31.53 -14.30
C TYR A 188 42.81 -32.01 -14.96
N HIS A 189 43.75 -32.49 -14.15
CA HIS A 189 45.02 -32.99 -14.68
C HIS A 189 45.09 -34.51 -14.54
N SER A 190 45.96 -35.14 -15.33
CA SER A 190 46.08 -36.58 -15.26
C SER A 190 46.63 -37.02 -13.90
N ASP A 191 46.58 -36.10 -12.94
CA ASP A 191 47.08 -36.34 -11.59
C ASP A 191 45.99 -36.19 -10.52
N GLY A 192 44.83 -35.70 -10.92
CA GLY A 192 43.73 -35.51 -9.98
C GLY A 192 43.56 -34.09 -9.49
N THR A 193 44.63 -33.30 -9.56
CA THR A 193 44.58 -31.91 -9.12
C THR A 193 43.82 -31.04 -10.12
N PRO A 194 42.80 -30.31 -9.62
CA PRO A 194 42.01 -29.44 -10.48
C PRO A 194 42.85 -28.30 -11.04
N LEU A 195 42.32 -27.64 -12.07
CA LEU A 195 42.98 -26.53 -12.72
C LEU A 195 42.76 -25.26 -11.91
N THR A 196 43.84 -24.56 -11.62
CA THR A 196 43.71 -23.32 -10.87
C THR A 196 43.18 -22.27 -11.84
N SER A 197 42.76 -21.14 -11.30
CA SER A 197 42.20 -20.06 -12.09
C SER A 197 43.10 -19.69 -13.26
N ASP A 198 44.41 -19.62 -13.02
CA ASP A 198 45.33 -19.25 -14.07
C ASP A 198 45.14 -20.09 -15.32
N GLN A 199 45.36 -21.40 -15.17
CA GLN A 199 45.21 -22.35 -16.28
C GLN A 199 43.87 -22.17 -16.98
N ILE A 200 42.81 -22.28 -16.19
CA ILE A 200 41.46 -22.14 -16.70
C ILE A 200 41.31 -20.86 -17.48
N PHE A 201 41.97 -19.78 -17.05
CA PHE A 201 41.88 -18.51 -17.75
C PHE A 201 42.60 -18.55 -19.09
N VAL A 202 43.74 -19.24 -19.10
CA VAL A 202 44.55 -19.36 -20.31
C VAL A 202 43.83 -20.32 -21.26
N GLN A 203 43.07 -21.24 -20.67
CA GLN A 203 42.29 -22.22 -21.41
C GLN A 203 41.04 -21.49 -21.90
N LEU A 204 40.55 -20.56 -21.09
CA LEU A 204 39.37 -19.79 -21.44
C LEU A 204 39.75 -18.68 -22.40
N GLU A 205 41.01 -18.25 -22.32
CA GLU A 205 41.47 -17.19 -23.20
C GLU A 205 41.85 -17.77 -24.56
N LYS A 206 42.08 -19.09 -24.59
CA LYS A 206 42.40 -19.79 -25.83
C LYS A 206 41.10 -20.14 -26.54
N ILE A 207 40.10 -20.59 -25.76
CA ILE A 207 38.78 -20.91 -26.32
C ILE A 207 38.23 -19.61 -26.89
N TRP A 208 38.47 -18.55 -26.12
CA TRP A 208 38.04 -17.19 -26.44
C TRP A 208 38.37 -16.80 -27.89
N ASN A 209 39.65 -16.82 -28.23
CA ASN A 209 40.05 -16.41 -29.58
C ASN A 209 39.48 -17.27 -30.70
N SER A 210 39.46 -18.59 -30.49
CA SER A 210 38.97 -19.52 -31.51
C SER A 210 37.58 -19.23 -32.06
N SER A 211 36.82 -18.40 -31.36
CA SER A 211 35.48 -18.06 -31.80
C SER A 211 35.28 -16.55 -31.74
N LEU A 212 36.30 -15.80 -32.15
CA LEU A 212 36.26 -14.36 -32.15
C LEU A 212 35.14 -13.81 -33.03
N GLN A 213 35.01 -14.36 -34.23
CA GLN A 213 33.99 -13.92 -35.16
C GLN A 213 32.74 -14.79 -35.16
N SER A 214 31.58 -14.12 -35.18
CA SER A 214 30.27 -14.78 -35.20
C SER A 214 29.71 -14.77 -36.63
N ASN A 215 29.11 -15.89 -37.02
CA ASN A 215 28.56 -16.01 -38.38
C ASN A 215 27.72 -17.28 -38.55
N LYS A 216 28.04 -18.31 -37.76
CA LYS A 216 27.38 -19.60 -37.80
C LYS A 216 25.94 -19.53 -37.32
N GLU A 217 25.18 -20.59 -37.61
CA GLU A 217 23.78 -20.66 -37.19
C GLU A 217 23.76 -21.08 -35.72
N PRO A 218 22.78 -20.59 -34.95
CA PRO A 218 22.68 -20.93 -33.52
C PRO A 218 21.98 -22.26 -33.28
N VAL A 219 22.58 -23.34 -33.73
CA VAL A 219 21.99 -24.66 -33.55
C VAL A 219 21.41 -24.85 -32.15
N GLY A 220 22.11 -24.38 -31.14
CA GLY A 220 21.63 -24.54 -29.78
C GLY A 220 20.24 -23.99 -29.51
N ILE A 221 19.78 -23.05 -30.32
CA ILE A 221 18.48 -22.46 -30.09
C ILE A 221 17.38 -23.46 -30.43
N LEU A 222 17.80 -24.67 -30.75
CA LEU A 222 16.85 -25.73 -31.08
C LEU A 222 16.26 -26.31 -29.82
N THR A 223 16.91 -26.09 -28.69
CA THR A 223 16.42 -26.62 -27.42
C THR A 223 15.44 -25.69 -26.72
N SER A 224 14.79 -24.82 -27.47
CA SER A 224 13.83 -23.89 -26.89
C SER A 224 12.49 -23.94 -27.60
N ASN A 225 12.30 -24.92 -28.47
CA ASN A 225 11.05 -25.04 -29.20
C ASN A 225 10.16 -26.03 -28.44
N HIS A 226 9.07 -26.46 -29.06
CA HIS A 226 8.18 -27.41 -28.41
C HIS A 226 8.95 -28.71 -28.23
N ARG A 227 8.56 -29.53 -27.26
CA ARG A 227 9.26 -30.79 -27.00
C ARG A 227 8.96 -31.89 -28.00
N ASN A 228 7.97 -31.66 -28.87
CA ASN A 228 7.63 -32.65 -29.88
C ASN A 228 8.42 -32.33 -31.13
N THR A 229 8.70 -31.04 -31.31
CA THR A 229 9.45 -30.58 -32.46
C THR A 229 10.94 -30.79 -32.24
N TRP A 230 11.43 -30.46 -31.06
CA TRP A 230 12.86 -30.64 -30.76
C TRP A 230 13.17 -32.15 -30.81
N ALA A 231 12.26 -32.97 -30.30
CA ALA A 231 12.41 -34.44 -30.32
C ALA A 231 12.72 -34.88 -31.74
N LYS A 232 11.89 -34.45 -32.68
CA LYS A 232 12.11 -34.83 -34.04
C LYS A 232 13.34 -34.10 -34.59
N ALA A 233 13.44 -32.81 -34.27
CA ALA A 233 14.57 -32.00 -34.74
C ALA A 233 15.92 -32.53 -34.25
N TYR A 234 15.96 -32.90 -32.96
CA TYR A 234 17.17 -33.44 -32.31
C TYR A 234 17.54 -34.79 -32.93
N ASN A 235 16.49 -35.56 -33.24
CA ASN A 235 16.59 -36.89 -33.84
C ASN A 235 17.34 -36.81 -35.18
N ASN A 236 17.05 -35.79 -35.97
CA ASN A 236 17.70 -35.64 -37.25
C ASN A 236 19.10 -35.07 -37.06
N LEU A 237 19.19 -34.08 -36.17
CA LEU A 237 20.44 -33.40 -35.87
C LEU A 237 21.61 -34.31 -35.52
N ILE A 238 21.31 -35.45 -34.90
CA ILE A 238 22.36 -36.38 -34.51
C ILE A 238 22.53 -37.56 -35.47
N LYS A 239 22.27 -37.34 -36.75
CA LYS A 239 22.44 -38.40 -37.74
C LYS A 239 23.80 -38.30 -38.41
N ASP A 240 24.61 -37.36 -37.94
CA ASP A 240 25.95 -37.15 -38.46
C ASP A 240 26.92 -37.65 -37.40
N LYS A 241 28.10 -38.12 -37.80
CA LYS A 241 29.06 -38.64 -36.83
C LYS A 241 29.60 -37.54 -35.91
N VAL A 242 29.92 -36.39 -36.48
CA VAL A 242 30.44 -35.26 -35.72
C VAL A 242 29.34 -34.67 -34.86
N ASN A 243 28.20 -34.40 -35.48
CA ASN A 243 27.06 -33.85 -34.76
C ASN A 243 26.84 -34.59 -33.46
N ARG A 244 26.56 -35.88 -33.57
CA ARG A 244 26.30 -36.72 -32.40
C ARG A 244 27.37 -36.56 -31.33
N GLU A 245 28.63 -36.60 -31.72
CA GLU A 245 29.71 -36.46 -30.75
C GLU A 245 29.65 -35.10 -30.09
N SER A 246 29.23 -34.12 -30.86
CA SER A 246 29.13 -32.76 -30.40
C SER A 246 28.09 -32.62 -29.30
N VAL A 247 26.91 -33.18 -29.52
CA VAL A 247 25.83 -33.12 -28.53
C VAL A 247 26.18 -34.04 -27.37
N ASN A 248 26.86 -35.14 -27.69
CA ASN A 248 27.26 -36.12 -26.68
C ASN A 248 28.22 -35.48 -25.69
N SER A 249 29.02 -34.52 -26.16
CA SER A 249 29.98 -33.84 -25.30
C SER A 249 29.24 -32.92 -24.33
N ILE A 250 28.38 -32.06 -24.88
CA ILE A 250 27.56 -31.15 -24.09
C ILE A 250 26.79 -31.92 -22.99
N GLN A 251 26.19 -33.06 -23.34
CA GLN A 251 25.42 -33.84 -22.37
C GLN A 251 26.29 -34.52 -21.31
N LYS A 252 27.60 -34.48 -21.50
CA LYS A 252 28.49 -35.06 -20.50
C LYS A 252 29.07 -33.94 -19.64
N SER A 253 29.21 -32.75 -20.21
CA SER A 253 29.76 -31.59 -19.50
C SER A 253 29.42 -31.46 -18.04
N ILE A 254 30.37 -31.02 -17.22
CA ILE A 254 30.05 -30.90 -15.81
C ILE A 254 29.06 -29.76 -15.62
N PHE A 255 28.95 -28.94 -16.67
CA PHE A 255 28.06 -27.78 -16.73
C PHE A 255 28.46 -26.88 -17.89
N THR A 256 27.68 -25.83 -18.14
CA THR A 256 28.00 -24.92 -19.26
C THR A 256 28.24 -23.45 -18.84
N VAL A 257 29.02 -22.74 -19.65
CA VAL A 257 29.30 -21.35 -19.35
C VAL A 257 29.07 -20.60 -20.62
N CYS A 258 28.24 -19.57 -20.57
CA CYS A 258 27.93 -18.80 -21.76
C CYS A 258 28.50 -17.39 -21.67
N LEU A 259 29.21 -16.97 -22.71
CA LEU A 259 29.77 -15.64 -22.76
C LEU A 259 28.90 -14.84 -23.72
N ASP A 260 27.79 -14.29 -23.22
CA ASP A 260 26.88 -13.52 -24.07
C ASP A 260 27.44 -12.24 -24.65
N LYS A 261 26.85 -11.86 -25.78
CA LYS A 261 27.24 -10.68 -26.53
C LYS A 261 26.55 -9.38 -26.10
N GLN A 262 26.88 -8.30 -26.79
CA GLN A 262 26.34 -6.98 -26.52
C GLN A 262 24.87 -6.88 -26.89
N VAL A 263 24.15 -6.00 -26.20
CA VAL A 263 22.74 -5.77 -26.45
C VAL A 263 22.42 -4.28 -26.25
N PRO A 264 21.68 -3.67 -27.19
CA PRO A 264 21.36 -2.24 -27.04
C PRO A 264 20.79 -1.95 -25.65
N ARG A 265 21.54 -1.18 -24.87
CA ARG A 265 21.15 -0.81 -23.51
C ARG A 265 19.85 -0.03 -23.46
N VAL A 266 19.15 -0.15 -22.33
CA VAL A 266 17.90 0.55 -22.11
C VAL A 266 18.01 1.32 -20.80
N SER A 267 16.96 2.07 -20.46
CA SER A 267 16.96 2.84 -19.23
C SER A 267 17.30 1.93 -18.05
N ASP A 268 17.42 2.51 -16.87
CA ASP A 268 17.76 1.74 -15.67
C ASP A 268 16.52 1.29 -14.91
N ASP A 269 15.41 2.00 -15.14
CA ASP A 269 14.15 1.66 -14.50
C ASP A 269 13.63 0.33 -15.04
N VAL A 270 14.08 -0.01 -16.25
CA VAL A 270 13.67 -1.26 -16.91
C VAL A 270 14.92 -2.07 -17.23
N TYR A 271 15.98 -1.78 -16.49
CA TYR A 271 17.23 -2.48 -16.68
C TYR A 271 17.11 -3.88 -16.13
N ARG A 272 16.92 -3.94 -14.81
CA ARG A 272 16.79 -5.19 -14.09
C ARG A 272 15.90 -6.18 -14.82
N ASN A 273 14.87 -5.67 -15.48
CA ASN A 273 13.97 -6.54 -16.21
C ASN A 273 14.57 -7.03 -17.53
N HIS A 274 15.53 -6.28 -18.06
CA HIS A 274 16.18 -6.63 -19.32
C HIS A 274 17.24 -7.71 -19.11
N VAL A 275 17.69 -7.80 -17.86
CA VAL A 275 18.70 -8.78 -17.51
C VAL A 275 17.99 -10.07 -17.17
N ALA A 276 16.97 -9.99 -16.31
CA ALA A 276 16.20 -11.15 -15.92
C ALA A 276 15.74 -11.86 -17.20
N GLY A 277 15.38 -11.09 -18.21
CA GLY A 277 14.95 -11.69 -19.46
C GLY A 277 16.13 -12.34 -20.16
N GLN A 278 17.28 -11.68 -20.08
CA GLN A 278 18.49 -12.21 -20.71
C GLN A 278 18.98 -13.46 -20.00
N MET A 279 18.44 -13.72 -18.81
CA MET A 279 18.87 -14.87 -18.02
C MET A 279 17.92 -16.05 -18.10
N LEU A 280 16.66 -15.77 -18.44
CA LEU A 280 15.63 -16.80 -18.53
C LEU A 280 15.46 -17.35 -19.93
N HIS A 281 15.28 -16.46 -20.91
CA HIS A 281 15.11 -16.91 -22.28
C HIS A 281 16.26 -16.55 -23.20
N GLY A 282 16.85 -15.38 -23.03
CA GLY A 282 17.96 -15.03 -23.89
C GLY A 282 17.76 -13.76 -24.69
N GLY A 283 16.53 -13.27 -24.73
CA GLY A 283 16.26 -12.05 -25.46
C GLY A 283 16.21 -12.12 -26.97
N GLY A 284 15.36 -12.98 -27.50
CA GLY A 284 15.23 -13.07 -28.94
C GLY A 284 16.22 -13.99 -29.62
N SER A 285 16.05 -14.15 -30.92
CA SER A 285 16.91 -15.02 -31.72
C SER A 285 18.08 -14.27 -32.32
N LYS A 286 18.04 -12.95 -32.26
CA LYS A 286 19.11 -12.13 -32.80
C LYS A 286 19.95 -11.47 -31.70
N PHE A 287 19.99 -12.11 -30.54
CA PHE A 287 20.75 -11.61 -29.39
C PHE A 287 21.59 -12.67 -28.66
N ASN A 288 21.05 -13.29 -27.62
CA ASN A 288 21.79 -14.29 -26.83
C ASN A 288 21.17 -15.68 -26.65
N SER A 289 19.93 -15.88 -27.10
CA SER A 289 19.28 -17.17 -26.94
C SER A 289 20.05 -18.30 -27.62
N GLY A 290 20.80 -17.98 -28.66
CA GLY A 290 21.57 -18.99 -29.38
C GLY A 290 22.84 -19.37 -28.63
N ASN A 291 23.15 -18.65 -27.57
CA ASN A 291 24.35 -18.88 -26.77
C ASN A 291 23.92 -19.75 -25.60
N ARG A 292 23.09 -20.74 -25.88
CA ARG A 292 22.56 -21.59 -24.83
C ARG A 292 22.36 -23.03 -25.25
N TRP A 293 21.88 -23.82 -24.30
CA TRP A 293 21.56 -25.21 -24.50
C TRP A 293 20.68 -25.51 -23.30
N PHE A 294 19.44 -25.07 -23.39
CA PHE A 294 18.45 -25.21 -22.31
C PHE A 294 18.14 -26.61 -21.79
N ASP A 295 18.67 -27.64 -22.45
CA ASP A 295 18.46 -29.00 -21.97
C ASP A 295 19.46 -29.28 -20.88
N LYS A 296 20.61 -28.59 -20.93
CA LYS A 296 21.68 -28.75 -19.95
C LYS A 296 21.18 -28.37 -18.57
N THR A 297 21.49 -29.19 -17.58
CA THR A 297 21.04 -28.94 -16.23
C THR A 297 21.45 -27.60 -15.66
N LEU A 298 22.74 -27.30 -15.74
CA LEU A 298 23.25 -26.05 -15.20
C LEU A 298 23.96 -25.25 -16.28
N GLN A 299 23.49 -24.02 -16.47
CA GLN A 299 24.08 -23.13 -17.42
C GLN A 299 24.39 -21.83 -16.70
N PHE A 300 25.68 -21.52 -16.57
CA PHE A 300 26.10 -20.28 -15.93
C PHE A 300 26.37 -19.27 -17.01
N ILE A 301 25.61 -18.20 -17.02
CA ILE A 301 25.71 -17.16 -18.04
C ILE A 301 26.30 -15.82 -17.56
N VAL A 302 27.50 -15.50 -18.06
CA VAL A 302 28.20 -14.27 -17.73
C VAL A 302 28.13 -13.29 -18.89
N ALA A 303 27.55 -12.13 -18.62
CA ALA A 303 27.39 -11.10 -19.63
C ALA A 303 28.64 -10.28 -19.84
N GLU A 304 28.51 -9.28 -20.71
CA GLU A 304 29.59 -8.39 -21.05
C GLU A 304 29.67 -7.21 -20.06
N ASP A 305 28.63 -6.38 -20.05
CA ASP A 305 28.59 -5.21 -19.16
C ASP A 305 28.94 -5.52 -17.71
N GLY A 306 28.78 -6.77 -17.31
CA GLY A 306 29.08 -7.16 -15.95
C GLY A 306 27.95 -7.94 -15.34
N SER A 307 26.83 -7.99 -16.04
CA SER A 307 25.67 -8.70 -15.58
C SER A 307 25.98 -10.19 -15.56
N CYS A 308 25.34 -10.93 -14.68
CA CYS A 308 25.58 -12.37 -14.59
C CYS A 308 24.50 -13.13 -13.81
N GLY A 309 24.30 -14.38 -14.18
CA GLY A 309 23.32 -15.18 -13.51
C GLY A 309 23.25 -16.58 -14.06
N MET A 310 22.07 -17.19 -14.02
CA MET A 310 21.96 -18.53 -14.51
C MET A 310 20.56 -18.97 -14.91
N VAL A 311 20.41 -20.26 -15.18
CA VAL A 311 19.16 -20.86 -15.61
C VAL A 311 19.38 -22.36 -15.58
N TYR A 312 18.59 -23.07 -14.79
CA TYR A 312 18.73 -24.51 -14.68
C TYR A 312 17.45 -25.22 -15.04
N GLU A 313 17.57 -26.54 -15.21
CA GLU A 313 16.46 -27.44 -15.55
C GLU A 313 15.89 -27.93 -14.24
N HIS A 314 14.60 -27.68 -14.05
CA HIS A 314 13.90 -28.02 -12.84
C HIS A 314 13.82 -29.51 -12.45
N ALA A 315 13.83 -30.42 -13.42
CA ALA A 315 13.73 -31.86 -13.13
C ALA A 315 14.75 -32.25 -12.07
N ALA A 316 15.97 -31.79 -12.26
CA ALA A 316 17.05 -32.07 -11.32
C ALA A 316 16.67 -31.70 -9.89
N ALA A 317 16.40 -30.42 -9.62
CA ALA A 317 16.06 -30.04 -8.25
C ALA A 317 15.36 -28.70 -8.11
N GLU A 318 15.13 -28.29 -6.86
CA GLU A 318 14.49 -27.00 -6.58
C GLU A 318 15.56 -25.95 -6.32
N GLY A 319 15.14 -24.69 -6.35
CA GLY A 319 16.07 -23.60 -6.12
C GLY A 319 17.00 -23.70 -4.91
N PRO A 320 16.52 -24.16 -3.75
CA PRO A 320 17.46 -24.23 -2.63
C PRO A 320 18.82 -24.83 -2.97
N PRO A 321 18.90 -26.16 -3.23
CA PRO A 321 20.20 -26.76 -3.56
C PRO A 321 21.03 -25.93 -4.52
N ILE A 322 20.39 -25.45 -5.58
CA ILE A 322 21.04 -24.65 -6.60
C ILE A 322 21.64 -23.38 -6.02
N VAL A 323 20.91 -22.74 -5.09
CA VAL A 323 21.43 -21.51 -4.50
C VAL A 323 22.38 -21.75 -3.35
N ALA A 324 22.40 -22.98 -2.83
CA ALA A 324 23.29 -23.32 -1.75
C ALA A 324 24.61 -23.65 -2.39
N LEU A 325 24.70 -23.34 -3.68
CA LEU A 325 25.89 -23.58 -4.49
C LEU A 325 26.26 -22.20 -5.00
N VAL A 326 25.25 -21.38 -5.24
CA VAL A 326 25.46 -20.02 -5.71
C VAL A 326 26.17 -19.23 -4.60
N ASP A 327 25.70 -19.42 -3.37
CA ASP A 327 26.27 -18.74 -2.21
C ASP A 327 27.76 -19.09 -2.03
N HIS A 328 28.06 -20.38 -2.12
CA HIS A 328 29.42 -20.86 -2.00
C HIS A 328 30.26 -20.30 -3.16
N VAL A 329 29.72 -20.38 -4.38
CA VAL A 329 30.41 -19.89 -5.57
C VAL A 329 30.71 -18.40 -5.53
N MET A 330 29.68 -17.57 -5.35
CA MET A 330 29.92 -16.13 -5.29
C MET A 330 30.91 -15.82 -4.17
N GLU A 331 30.98 -16.72 -3.19
CA GLU A 331 31.89 -16.53 -2.07
C GLU A 331 33.32 -16.66 -2.57
N TYR A 332 33.56 -17.72 -3.33
CA TYR A 332 34.86 -18.04 -3.90
C TYR A 332 35.34 -16.92 -4.85
N THR A 333 34.40 -16.26 -5.52
CA THR A 333 34.76 -15.20 -6.46
C THR A 333 35.28 -13.95 -5.74
N LYS A 334 35.09 -13.90 -4.43
CA LYS A 334 35.52 -12.75 -3.63
C LYS A 334 36.78 -12.99 -2.80
N LYS A 335 36.92 -14.19 -2.23
CA LYS A 335 38.06 -14.54 -1.39
C LYS A 335 39.44 -14.20 -2.00
N PRO A 336 40.49 -14.18 -1.15
CA PRO A 336 41.88 -13.88 -1.50
C PRO A 336 42.56 -14.80 -2.51
N GLU A 337 43.85 -14.57 -2.71
CA GLU A 337 44.65 -15.35 -3.67
C GLU A 337 45.79 -16.09 -2.96
N LEU A 338 46.06 -17.32 -3.42
CA LEU A 338 47.11 -18.18 -2.84
C LEU A 338 48.35 -18.36 -3.74
N VAL A 339 48.50 -19.56 -4.29
CA VAL A 339 49.62 -19.93 -5.17
C VAL A 339 49.28 -19.78 -6.65
N ARG A 340 49.81 -18.72 -7.27
CA ARG A 340 49.61 -18.42 -8.69
C ARG A 340 50.82 -18.92 -9.48
N SER A 341 51.27 -20.13 -9.14
CA SER A 341 52.43 -20.78 -9.76
C SER A 341 52.30 -20.88 -11.29
N PRO A 342 53.43 -20.78 -12.01
CA PRO A 342 53.55 -20.85 -13.46
C PRO A 342 52.58 -21.77 -14.21
N MET A 343 52.25 -21.39 -15.43
CA MET A 343 51.32 -22.12 -16.29
C MET A 343 51.87 -23.46 -16.78
N VAL A 344 51.42 -24.56 -16.18
CA VAL A 344 51.87 -25.89 -16.58
C VAL A 344 51.49 -26.11 -18.06
N PRO A 345 52.06 -27.15 -18.70
CA PRO A 345 51.75 -27.43 -20.10
C PRO A 345 50.27 -27.79 -20.31
N LEU A 346 49.53 -26.90 -20.95
CA LEU A 346 48.10 -27.12 -21.20
C LEU A 346 47.76 -27.29 -22.67
N PRO A 347 46.93 -28.31 -22.99
CA PRO A 347 46.51 -28.59 -24.36
C PRO A 347 45.45 -27.62 -24.88
N MET A 348 45.17 -27.70 -26.17
CA MET A 348 44.19 -26.85 -26.82
C MET A 348 42.79 -27.46 -26.72
N PRO A 349 41.76 -26.63 -26.50
CA PRO A 349 40.38 -27.10 -26.39
C PRO A 349 39.84 -27.63 -27.71
N LYS A 350 38.86 -28.52 -27.63
CA LYS A 350 38.24 -29.10 -28.82
C LYS A 350 37.01 -28.29 -29.21
N LYS A 351 36.96 -27.83 -30.45
CA LYS A 351 35.82 -27.08 -30.92
C LYS A 351 34.70 -28.04 -31.35
N LEU A 352 33.52 -27.90 -30.74
CA LEU A 352 32.39 -28.75 -31.05
C LEU A 352 31.63 -28.17 -32.23
N ARG A 353 31.81 -28.77 -33.39
CA ARG A 353 31.17 -28.32 -34.61
C ARG A 353 29.76 -28.87 -34.78
N PHE A 354 29.04 -28.30 -35.73
CA PHE A 354 27.68 -28.71 -36.04
C PHE A 354 27.42 -28.64 -37.55
N ASN A 355 27.52 -29.78 -38.24
CA ASN A 355 27.29 -29.82 -39.68
C ASN A 355 25.89 -29.31 -40.02
N ILE A 356 25.82 -28.07 -40.49
CA ILE A 356 24.54 -27.44 -40.84
C ILE A 356 24.03 -27.89 -42.21
N THR A 357 22.83 -28.46 -42.21
CA THR A 357 22.22 -28.95 -43.44
C THR A 357 20.97 -28.15 -43.77
N PRO A 358 20.35 -28.43 -44.93
CA PRO A 358 19.13 -27.73 -45.34
C PRO A 358 17.94 -28.25 -44.56
N GLU A 359 18.09 -29.47 -44.01
CA GLU A 359 17.02 -30.08 -43.24
C GLU A 359 17.04 -29.44 -41.86
N ILE A 360 18.24 -29.16 -41.36
CA ILE A 360 18.41 -28.54 -40.05
C ILE A 360 18.28 -27.03 -40.15
N LYS A 361 18.50 -26.51 -41.36
CA LYS A 361 18.40 -25.08 -41.65
C LYS A 361 17.01 -24.56 -41.30
N ASN A 362 16.00 -25.37 -41.59
CA ASN A 362 14.63 -25.00 -41.32
C ASN A 362 14.28 -25.05 -39.84
N ASP A 363 14.67 -26.14 -39.17
CA ASP A 363 14.39 -26.29 -37.75
C ASP A 363 15.01 -25.15 -36.97
N ILE A 364 16.15 -24.68 -37.47
CA ILE A 364 16.86 -23.57 -36.84
C ILE A 364 16.10 -22.28 -37.10
N GLU A 365 15.44 -22.20 -38.25
CA GLU A 365 14.68 -21.00 -38.59
C GLU A 365 13.28 -21.06 -38.02
N LYS A 366 12.82 -22.27 -37.68
CA LYS A 366 11.49 -22.48 -37.11
C LYS A 366 11.55 -22.26 -35.60
N ALA A 367 12.74 -22.43 -35.02
CA ALA A 367 12.96 -22.24 -33.60
C ALA A 367 12.87 -20.76 -33.28
N LYS A 368 13.62 -19.96 -34.03
CA LYS A 368 13.64 -18.51 -33.87
C LYS A 368 12.22 -17.98 -33.87
N GLN A 369 11.42 -18.42 -34.85
CA GLN A 369 10.04 -17.97 -34.94
C GLN A 369 9.27 -18.30 -33.68
N ASN A 370 9.59 -19.40 -33.03
CA ASN A 370 8.87 -19.80 -31.82
C ASN A 370 9.33 -19.02 -30.60
N LEU A 371 10.60 -19.13 -30.31
CA LEU A 371 11.18 -18.43 -29.18
C LEU A 371 10.79 -16.95 -29.18
N SER A 372 10.97 -16.29 -30.33
CA SER A 372 10.64 -14.88 -30.52
C SER A 372 9.18 -14.55 -30.19
N ILE A 373 8.32 -15.57 -30.19
CA ILE A 373 6.91 -15.39 -29.87
C ILE A 373 6.69 -15.56 -28.38
N MET A 374 7.40 -16.52 -27.77
CA MET A 374 7.27 -16.77 -26.34
C MET A 374 7.70 -15.53 -25.56
N ILE A 375 8.69 -14.81 -26.10
CA ILE A 375 9.24 -13.62 -25.47
C ILE A 375 8.35 -12.38 -25.58
N GLN A 376 7.87 -12.09 -26.79
CA GLN A 376 7.00 -10.95 -26.98
C GLN A 376 5.72 -11.12 -26.16
N ASP A 377 5.60 -12.25 -25.47
CA ASP A 377 4.43 -12.52 -24.66
C ASP A 377 4.73 -12.59 -23.17
N LEU A 378 6.01 -12.43 -22.82
CA LEU A 378 6.41 -12.49 -21.41
C LEU A 378 6.45 -11.10 -20.77
N ASP A 379 5.81 -11.00 -19.60
CA ASP A 379 5.78 -9.73 -18.88
C ASP A 379 6.36 -9.95 -17.50
N ILE A 380 7.55 -9.39 -17.25
CA ILE A 380 8.18 -9.56 -15.94
C ILE A 380 8.44 -8.24 -15.21
N MET A 381 8.44 -8.30 -13.89
CA MET A 381 8.71 -7.14 -13.06
C MET A 381 9.54 -7.54 -11.86
N MET A 382 10.64 -6.82 -11.64
CA MET A 382 11.55 -7.08 -10.52
C MET A 382 11.38 -6.04 -9.39
N LEU A 383 10.90 -6.48 -8.23
CA LEU A 383 10.68 -5.59 -7.10
C LEU A 383 11.64 -5.81 -5.94
N THR A 384 12.34 -4.74 -5.60
CA THR A 384 13.29 -4.71 -4.51
C THR A 384 12.61 -3.95 -3.37
N PHE A 385 12.09 -4.67 -2.38
CA PHE A 385 11.40 -4.08 -1.23
C PHE A 385 12.36 -3.65 -0.13
N HIS A 386 12.81 -2.40 -0.18
CA HIS A 386 13.74 -1.88 0.79
C HIS A 386 13.17 -1.54 2.16
N HIS A 387 11.89 -1.21 2.21
CA HIS A 387 11.19 -0.82 3.44
C HIS A 387 11.55 -1.71 4.62
N PHE A 388 11.67 -3.00 4.35
CA PHE A 388 12.02 -3.96 5.38
C PHE A 388 12.10 -5.36 4.80
N GLY A 389 12.38 -6.34 5.66
CA GLY A 389 12.50 -7.72 5.24
C GLY A 389 12.05 -8.65 6.35
N LYS A 390 12.93 -9.55 6.79
CA LYS A 390 12.60 -10.47 7.88
C LYS A 390 12.56 -9.71 9.20
N ASP A 391 13.35 -8.64 9.27
CA ASP A 391 13.45 -7.77 10.45
C ASP A 391 12.11 -7.47 11.12
N PHE A 392 11.26 -6.72 10.42
CA PHE A 392 9.93 -6.35 10.94
C PHE A 392 9.06 -7.54 11.36
N PRO A 393 8.70 -8.46 10.41
CA PRO A 393 7.85 -9.60 10.80
C PRO A 393 8.37 -10.27 12.06
N LYS A 394 9.68 -10.45 12.12
CA LYS A 394 10.30 -11.09 13.27
C LYS A 394 10.08 -10.26 14.55
N SER A 395 10.24 -8.95 14.47
CA SER A 395 10.05 -8.06 15.62
C SER A 395 8.61 -8.09 16.14
N GLU A 396 7.69 -8.49 15.28
CA GLU A 396 6.27 -8.62 15.62
C GLU A 396 5.92 -10.05 16.05
N LYS A 397 6.92 -10.88 16.28
CA LYS A 397 6.72 -12.27 16.69
C LYS A 397 5.90 -13.03 15.67
N LEU A 398 6.05 -12.61 14.41
CA LEU A 398 5.33 -13.20 13.30
C LEU A 398 6.31 -13.75 12.27
N SER A 399 5.95 -14.89 11.69
CA SER A 399 6.76 -15.56 10.66
C SER A 399 6.83 -14.66 9.42
N PRO A 400 8.06 -14.42 8.91
CA PRO A 400 8.31 -13.59 7.72
C PRO A 400 7.63 -14.07 6.44
N ASP A 401 7.73 -15.36 6.12
CA ASP A 401 7.14 -15.86 4.90
C ASP A 401 5.61 -15.87 4.96
N ALA A 402 5.05 -16.29 6.07
CA ALA A 402 3.61 -16.25 6.23
C ALA A 402 3.17 -14.81 5.98
N PHE A 403 3.75 -13.87 6.76
CA PHE A 403 3.46 -12.44 6.66
C PHE A 403 3.56 -11.92 5.21
N ILE A 404 4.51 -12.44 4.45
CA ILE A 404 4.67 -12.05 3.06
C ILE A 404 3.55 -12.70 2.20
N GLN A 405 3.12 -13.91 2.59
CA GLN A 405 2.09 -14.67 1.87
C GLN A 405 0.66 -14.17 2.10
N VAL A 406 0.50 -13.43 3.19
CA VAL A 406 -0.78 -12.83 3.54
C VAL A 406 -0.90 -11.50 2.80
N ALA A 407 0.23 -10.89 2.50
CA ALA A 407 0.25 -9.63 1.81
C ALA A 407 -0.13 -9.83 0.33
N LEU A 408 0.25 -10.97 -0.23
CA LEU A 408 -0.06 -11.28 -1.65
C LEU A 408 -1.56 -11.54 -1.77
N GLN A 409 -2.14 -12.19 -0.77
CA GLN A 409 -3.55 -12.48 -0.79
C GLN A 409 -4.28 -11.17 -0.83
N LEU A 410 -3.90 -10.29 0.10
CA LEU A 410 -4.46 -8.95 0.19
C LEU A 410 -4.24 -8.22 -1.11
N ALA A 411 -3.01 -8.21 -1.60
CA ALA A 411 -2.75 -7.50 -2.84
C ALA A 411 -3.59 -8.02 -4.02
N TYR A 412 -3.70 -9.35 -4.15
CA TYR A 412 -4.46 -9.96 -5.24
C TYR A 412 -5.93 -9.60 -5.04
N TYR A 413 -6.42 -9.87 -3.84
CA TYR A 413 -7.81 -9.58 -3.53
C TYR A 413 -8.12 -8.11 -3.77
N ARG A 414 -7.15 -7.24 -3.49
CA ARG A 414 -7.30 -5.81 -3.72
C ARG A 414 -7.24 -5.52 -5.21
N ILE A 415 -7.48 -6.50 -6.06
CA ILE A 415 -7.40 -6.25 -7.50
C ILE A 415 -8.49 -6.93 -8.33
N TYR A 416 -8.94 -8.09 -7.85
CA TYR A 416 -9.95 -8.86 -8.56
C TYR A 416 -11.25 -9.03 -7.81
N GLY A 417 -11.27 -8.61 -6.54
CA GLY A 417 -12.48 -8.71 -5.73
C GLY A 417 -12.77 -10.10 -5.22
N GLN A 418 -11.79 -11.00 -5.34
CA GLN A 418 -11.97 -12.38 -4.90
C GLN A 418 -10.65 -13.08 -4.64
N ALA A 419 -10.73 -14.14 -3.85
CA ALA A 419 -9.58 -14.96 -3.51
C ALA A 419 -9.38 -15.95 -4.68
N CYS A 420 -8.15 -16.44 -4.85
CA CYS A 420 -7.83 -17.37 -5.92
C CYS A 420 -7.05 -18.57 -5.44
N ALA A 421 -6.93 -19.56 -6.32
CA ALA A 421 -6.18 -20.76 -6.01
C ALA A 421 -4.71 -20.28 -5.97
N THR A 422 -4.06 -20.42 -4.81
CA THR A 422 -2.68 -19.98 -4.64
C THR A 422 -1.77 -21.15 -4.29
N TYR A 423 -0.57 -21.15 -4.86
CA TYR A 423 0.42 -22.20 -4.63
C TYR A 423 1.73 -21.67 -4.03
N GLU A 424 2.23 -22.32 -3.00
CA GLU A 424 3.52 -21.91 -2.43
C GLU A 424 4.42 -23.15 -2.33
N SER A 425 5.45 -23.27 -3.17
CA SER A 425 6.34 -24.46 -3.06
C SER A 425 6.88 -24.71 -1.63
N ALA A 426 6.70 -25.93 -1.12
CA ALA A 426 7.16 -26.35 0.23
C ALA A 426 8.01 -27.61 0.12
N SER A 427 9.29 -27.50 0.45
CA SER A 427 10.18 -28.63 0.34
C SER A 427 9.97 -29.73 1.38
N LEU A 428 9.95 -30.97 0.90
CA LEU A 428 9.78 -32.15 1.73
C LEU A 428 11.12 -32.90 1.89
N ARG A 429 12.23 -32.15 1.78
CA ARG A 429 13.59 -32.71 1.87
C ARG A 429 14.01 -33.35 3.21
N MET A 430 13.14 -33.27 4.20
CA MET A 430 13.38 -33.88 5.50
C MET A 430 13.04 -35.37 5.38
N PHE A 431 12.70 -35.79 4.15
CA PHE A 431 12.37 -37.17 3.87
C PHE A 431 13.28 -37.64 2.75
N HIS A 432 13.72 -38.90 2.80
CA HIS A 432 14.61 -39.45 1.78
C HIS A 432 14.07 -39.30 0.35
N LEU A 433 14.89 -38.69 -0.52
CA LEU A 433 14.57 -38.48 -1.94
C LEU A 433 13.44 -37.49 -2.20
N GLY A 434 12.74 -37.12 -1.13
CA GLY A 434 11.63 -36.19 -1.21
C GLY A 434 11.92 -34.92 -2.00
N ARG A 435 10.87 -34.33 -2.55
CA ARG A 435 11.01 -33.10 -3.32
C ARG A 435 10.19 -31.98 -2.69
N THR A 436 8.95 -31.81 -3.13
CA THR A 436 8.10 -30.75 -2.58
C THR A 436 6.62 -31.08 -2.47
N ASP A 437 5.91 -30.21 -1.77
CA ASP A 437 4.48 -30.33 -1.61
C ASP A 437 3.87 -28.93 -1.77
N THR A 438 2.56 -28.85 -1.62
CA THR A 438 1.84 -27.61 -1.81
C THR A 438 1.38 -26.92 -0.55
N ILE A 439 1.58 -25.63 -0.51
CA ILE A 439 1.12 -24.87 0.62
C ILE A 439 0.13 -23.94 -0.04
N ARG A 440 -1.13 -24.06 0.35
CA ARG A 440 -2.19 -23.21 -0.18
C ARG A 440 -2.36 -22.07 0.81
N SER A 441 -2.01 -20.87 0.35
CA SER A 441 -2.09 -19.64 1.13
C SER A 441 -3.55 -19.06 1.19
N ALA A 442 -4.40 -19.44 0.23
CA ALA A 442 -5.79 -18.99 0.18
C ALA A 442 -6.61 -19.82 1.17
N SER A 443 -6.88 -19.24 2.33
CA SER A 443 -7.63 -19.95 3.36
C SER A 443 -8.81 -19.17 3.94
N ILE A 444 -9.36 -19.71 5.02
CA ILE A 444 -10.49 -19.14 5.71
C ILE A 444 -10.14 -17.87 6.46
N ASP A 445 -9.00 -17.91 7.15
CA ASP A 445 -8.47 -16.80 7.93
C ASP A 445 -7.87 -15.77 6.96
N SER A 446 -7.47 -16.26 5.81
CA SER A 446 -6.89 -15.42 4.78
C SER A 446 -7.97 -14.53 4.15
N LEU A 447 -9.10 -15.14 3.79
CA LEU A 447 -10.18 -14.40 3.17
C LEU A 447 -10.85 -13.44 4.20
N ALA A 448 -11.17 -13.94 5.38
CA ALA A 448 -11.73 -13.16 6.44
C ALA A 448 -10.90 -11.90 6.61
N PHE A 449 -9.57 -12.07 6.66
CA PHE A 449 -8.65 -10.96 6.81
C PHE A 449 -8.62 -9.95 5.67
N VAL A 450 -8.33 -10.40 4.45
CA VAL A 450 -8.29 -9.49 3.32
C VAL A 450 -9.63 -8.70 3.25
N LYS A 451 -10.73 -9.29 3.72
CA LYS A 451 -12.04 -8.62 3.70
C LYS A 451 -12.23 -7.75 4.94
N GLY A 452 -11.76 -8.24 6.08
CA GLY A 452 -11.86 -7.47 7.29
C GLY A 452 -10.98 -6.25 7.16
N MET A 453 -10.04 -6.28 6.22
CA MET A 453 -9.13 -5.14 6.02
C MET A 453 -9.85 -3.98 5.36
N GLY A 454 -10.07 -4.11 4.05
CA GLY A 454 -10.75 -3.05 3.33
C GLY A 454 -12.16 -2.73 3.82
N ASP A 455 -12.65 -3.43 4.83
CA ASP A 455 -13.99 -3.20 5.39
C ASP A 455 -14.02 -2.01 6.35
N SER A 456 -14.53 -0.87 5.89
CA SER A 456 -14.56 0.31 6.72
C SER A 456 -15.45 0.19 7.95
N THR A 457 -16.11 -0.96 8.11
CA THR A 457 -16.99 -1.19 9.25
C THR A 457 -16.27 -1.94 10.36
N VAL A 458 -15.10 -2.49 10.02
CA VAL A 458 -14.29 -3.24 10.97
C VAL A 458 -13.23 -2.33 11.59
N PRO A 459 -13.17 -2.25 12.92
CA PRO A 459 -12.18 -1.40 13.61
C PRO A 459 -10.72 -1.88 13.44
N GLU A 460 -9.78 -0.94 13.41
CA GLU A 460 -8.37 -1.29 13.28
C GLU A 460 -7.97 -2.29 14.36
N GLN A 461 -8.72 -2.29 15.46
CA GLN A 461 -8.45 -3.18 16.56
C GLN A 461 -8.83 -4.61 16.21
N GLN A 462 -9.88 -4.78 15.40
CA GLN A 462 -10.28 -6.13 15.02
C GLN A 462 -9.55 -6.55 13.76
N LYS A 463 -9.01 -5.55 13.05
CA LYS A 463 -8.25 -5.77 11.83
C LYS A 463 -6.96 -6.52 12.16
N VAL A 464 -6.16 -5.94 13.05
CA VAL A 464 -4.87 -6.50 13.45
C VAL A 464 -5.04 -7.93 13.96
N GLU A 465 -6.12 -8.15 14.71
CA GLU A 465 -6.40 -9.45 15.25
C GLU A 465 -6.78 -10.42 14.14
N LEU A 466 -7.17 -9.88 12.99
CA LEU A 466 -7.53 -10.73 11.88
C LEU A 466 -6.27 -11.00 11.04
N LEU A 467 -5.32 -10.08 11.14
CA LEU A 467 -4.05 -10.20 10.42
C LEU A 467 -3.25 -11.29 11.10
N ARG A 468 -3.07 -11.14 12.41
CA ARG A 468 -2.32 -12.11 13.16
C ARG A 468 -2.88 -13.53 13.02
N LYS A 469 -4.19 -13.68 13.03
CA LYS A 469 -4.79 -15.00 12.92
C LYS A 469 -4.33 -15.64 11.63
N ALA A 470 -4.42 -14.89 10.54
CA ALA A 470 -4.01 -15.40 9.25
C ALA A 470 -2.53 -15.83 9.22
N VAL A 471 -1.63 -14.94 9.62
CA VAL A 471 -0.20 -15.21 9.63
C VAL A 471 0.17 -16.51 10.33
N GLN A 472 -0.53 -16.85 11.41
CA GLN A 472 -0.22 -18.08 12.13
C GLN A 472 -0.97 -19.27 11.56
N ALA A 473 -2.11 -19.02 10.91
CA ALA A 473 -2.89 -20.09 10.32
C ALA A 473 -2.07 -20.65 9.16
N HIS A 474 -1.41 -19.74 8.45
CA HIS A 474 -0.55 -20.06 7.30
C HIS A 474 0.72 -20.73 7.78
N ARG A 475 1.20 -20.33 8.95
CA ARG A 475 2.41 -20.91 9.50
C ARG A 475 2.18 -22.39 9.85
N ALA A 476 0.99 -22.69 10.35
CA ALA A 476 0.56 -24.04 10.73
C ALA A 476 0.47 -24.94 9.49
N TYR A 477 0.08 -24.34 8.37
CA TYR A 477 -0.02 -25.08 7.13
C TYR A 477 1.41 -25.39 6.69
N THR A 478 2.26 -24.35 6.74
CA THR A 478 3.69 -24.44 6.39
C THR A 478 4.30 -25.59 7.20
N ASP A 479 4.10 -25.56 8.52
CA ASP A 479 4.62 -26.57 9.40
C ASP A 479 3.98 -27.93 9.16
N ARG A 480 2.72 -27.95 8.76
CA ARG A 480 2.06 -29.22 8.49
C ARG A 480 2.51 -29.76 7.14
N ALA A 481 2.77 -28.88 6.19
CA ALA A 481 3.18 -29.32 4.86
C ALA A 481 4.56 -29.94 4.81
N ILE A 482 5.55 -29.22 5.34
CA ILE A 482 6.91 -29.71 5.36
C ILE A 482 7.06 -30.97 6.20
N ARG A 483 5.98 -31.41 6.82
CA ARG A 483 6.07 -32.64 7.61
C ARG A 483 5.19 -33.73 7.01
N GLY A 484 4.97 -33.66 5.69
CA GLY A 484 4.18 -34.66 5.00
C GLY A 484 2.75 -34.76 5.50
N GLU A 485 2.21 -33.61 5.85
CA GLU A 485 0.86 -33.50 6.37
C GLU A 485 0.01 -32.55 5.56
N ALA A 486 0.41 -32.30 4.31
CA ALA A 486 -0.39 -31.45 3.43
C ALA A 486 -1.39 -32.40 2.77
N PHE A 487 -1.82 -32.12 1.54
CA PHE A 487 -2.78 -33.00 0.91
C PHE A 487 -2.70 -33.05 -0.61
N ASP A 488 -2.18 -31.99 -1.21
CA ASP A 488 -2.04 -31.94 -2.65
C ASP A 488 -1.26 -33.09 -3.27
N ARG A 489 -0.20 -33.53 -2.62
CA ARG A 489 0.60 -34.60 -3.20
C ARG A 489 -0.10 -35.93 -3.02
N HIS A 490 -0.62 -36.13 -1.82
CA HIS A 490 -1.34 -37.32 -1.47
C HIS A 490 -2.53 -37.45 -2.42
N LEU A 491 -3.15 -36.31 -2.70
CA LEU A 491 -4.29 -36.21 -3.59
C LEU A 491 -3.93 -36.69 -5.00
N LEU A 492 -2.82 -36.17 -5.52
CA LEU A 492 -2.35 -36.53 -6.85
C LEU A 492 -1.97 -38.00 -6.85
N GLY A 493 -1.68 -38.52 -5.66
CA GLY A 493 -1.33 -39.91 -5.55
C GLY A 493 -2.54 -40.81 -5.78
N LEU A 494 -3.64 -40.52 -5.07
CA LEU A 494 -4.86 -41.30 -5.22
C LEU A 494 -5.32 -41.28 -6.66
N LYS A 495 -5.06 -40.17 -7.34
CA LYS A 495 -5.46 -40.03 -8.73
C LYS A 495 -4.68 -40.97 -9.63
N LEU A 496 -3.35 -40.91 -9.53
CA LEU A 496 -2.49 -41.77 -10.37
C LEU A 496 -2.59 -43.24 -10.00
N GLN A 497 -2.77 -43.50 -8.72
CA GLN A 497 -2.90 -44.86 -8.20
C GLN A 497 -4.21 -45.44 -8.75
N ALA A 498 -5.19 -44.56 -8.94
CA ALA A 498 -6.50 -44.95 -9.44
C ALA A 498 -6.36 -45.40 -10.87
N ILE A 499 -5.54 -44.67 -11.62
CA ILE A 499 -5.31 -45.00 -13.01
C ILE A 499 -4.68 -46.37 -13.11
N GLU A 500 -3.58 -46.54 -12.37
CA GLU A 500 -2.86 -47.80 -12.35
C GLU A 500 -3.84 -48.94 -12.08
N ASP A 501 -4.53 -48.93 -10.95
CA ASP A 501 -5.47 -50.01 -10.64
C ASP A 501 -6.43 -50.34 -11.78
N LEU A 502 -6.57 -49.44 -12.74
CA LEU A 502 -7.46 -49.66 -13.87
C LEU A 502 -8.91 -49.58 -13.42
N VAL A 503 -9.24 -48.52 -12.70
CA VAL A 503 -10.61 -48.32 -12.21
C VAL A 503 -11.23 -47.04 -12.79
N SER A 504 -12.50 -46.80 -12.48
CA SER A 504 -13.19 -45.63 -12.99
C SER A 504 -12.63 -44.36 -12.35
N MET A 505 -12.19 -43.42 -13.18
CA MET A 505 -11.65 -42.16 -12.66
C MET A 505 -12.63 -41.57 -11.65
N PRO A 506 -12.28 -41.58 -10.35
CA PRO A 506 -13.14 -41.04 -9.30
C PRO A 506 -13.82 -39.72 -9.62
N ASP A 507 -15.02 -39.54 -9.08
CA ASP A 507 -15.75 -38.31 -9.31
C ASP A 507 -15.03 -37.13 -8.68
N ILE A 508 -14.51 -37.33 -7.48
CA ILE A 508 -13.79 -36.28 -6.75
C ILE A 508 -12.81 -35.50 -7.63
N PHE A 509 -12.06 -36.20 -8.49
CA PHE A 509 -11.10 -35.55 -9.37
C PHE A 509 -11.82 -34.91 -10.55
N MET A 510 -12.96 -35.46 -10.93
CA MET A 510 -13.72 -34.93 -12.04
C MET A 510 -14.57 -33.73 -11.58
N ASP A 511 -14.43 -33.41 -10.29
CA ASP A 511 -15.15 -32.33 -9.63
C ASP A 511 -14.72 -30.89 -10.03
N THR A 512 -15.68 -29.97 -10.07
CA THR A 512 -15.41 -28.59 -10.44
C THR A 512 -14.42 -27.95 -9.45
N SER A 513 -14.69 -28.18 -8.18
CA SER A 513 -13.83 -27.69 -7.13
C SER A 513 -12.40 -28.20 -7.34
N TYR A 514 -12.22 -29.13 -8.27
CA TYR A 514 -10.91 -29.68 -8.53
C TYR A 514 -10.20 -28.91 -9.63
N ALA A 515 -10.92 -28.65 -10.72
CA ALA A 515 -10.34 -27.93 -11.84
C ALA A 515 -9.96 -26.51 -11.41
N ILE A 516 -10.56 -26.07 -10.30
CA ILE A 516 -10.31 -24.74 -9.76
C ILE A 516 -9.09 -24.79 -8.82
N ALA A 517 -9.22 -25.58 -7.76
CA ALA A 517 -8.16 -25.74 -6.78
C ALA A 517 -6.81 -26.05 -7.38
N MET A 518 -6.80 -26.51 -8.62
CA MET A 518 -5.55 -26.87 -9.26
C MET A 518 -5.14 -25.80 -10.21
N HIS A 519 -6.03 -24.85 -10.45
CA HIS A 519 -5.76 -23.75 -11.35
C HIS A 519 -5.20 -22.62 -10.46
N PHE A 520 -3.89 -22.48 -10.50
CA PHE A 520 -3.17 -21.51 -9.69
C PHE A 520 -2.91 -20.18 -10.33
N ASN A 521 -3.65 -19.18 -9.89
CA ASN A 521 -3.47 -17.84 -10.42
C ASN A 521 -2.15 -17.27 -9.84
N LEU A 522 -1.85 -17.65 -8.62
CA LEU A 522 -0.63 -17.22 -7.97
C LEU A 522 0.30 -18.42 -7.73
N SER A 523 1.34 -18.59 -8.54
CA SER A 523 2.30 -19.70 -8.37
C SER A 523 3.51 -19.15 -7.64
N THR A 524 3.71 -19.54 -6.40
CA THR A 524 4.84 -18.96 -5.70
C THR A 524 5.78 -19.92 -4.97
N SER A 525 6.93 -19.37 -4.59
CA SER A 525 7.96 -20.09 -3.87
C SER A 525 8.94 -19.09 -3.18
N GLN A 526 9.63 -19.55 -2.16
CA GLN A 526 10.62 -18.70 -1.50
C GLN A 526 11.95 -19.43 -1.74
N VAL A 527 13.00 -18.69 -2.08
CA VAL A 527 14.32 -19.29 -2.29
C VAL A 527 15.35 -18.35 -1.64
N PRO A 528 15.55 -18.48 -0.32
CA PRO A 528 16.49 -17.69 0.46
C PRO A 528 17.87 -17.94 -0.06
N ALA A 529 18.63 -16.86 -0.26
CA ALA A 529 19.99 -16.87 -0.77
C ALA A 529 20.90 -15.94 0.06
N LYS A 530 21.93 -16.49 0.71
CA LYS A 530 22.86 -15.66 1.50
C LYS A 530 23.47 -14.56 0.62
N THR A 531 23.18 -14.61 -0.67
CA THR A 531 23.67 -13.62 -1.61
C THR A 531 22.48 -12.82 -2.13
N ASP A 532 22.69 -11.54 -2.37
CA ASP A 532 21.60 -10.70 -2.85
C ASP A 532 21.21 -11.03 -4.28
N CYS A 533 20.55 -12.17 -4.44
CA CYS A 533 20.11 -12.62 -5.75
C CYS A 533 18.62 -12.94 -5.80
N VAL A 534 18.08 -12.99 -7.00
CA VAL A 534 16.68 -13.30 -7.18
C VAL A 534 16.45 -14.36 -8.24
N MET A 535 15.46 -15.22 -7.99
CA MET A 535 15.10 -16.27 -8.92
C MET A 535 13.76 -15.89 -9.54
N PHE A 536 13.43 -16.48 -10.71
CA PHE A 536 12.15 -16.19 -11.39
C PHE A 536 11.69 -17.24 -12.38
N PHE A 537 10.41 -17.20 -12.72
CA PHE A 537 9.81 -18.16 -13.65
C PHE A 537 8.38 -17.76 -14.05
N GLY A 538 8.03 -17.99 -15.31
CA GLY A 538 6.71 -17.66 -15.79
C GLY A 538 5.57 -18.21 -14.96
N PRO A 539 4.33 -17.95 -15.36
CA PRO A 539 3.11 -18.43 -14.69
C PRO A 539 2.74 -19.83 -15.13
N VAL A 540 2.04 -20.55 -14.26
CA VAL A 540 1.61 -21.91 -14.52
C VAL A 540 0.36 -21.95 -15.41
N VAL A 541 -0.41 -20.86 -15.40
CA VAL A 541 -1.62 -20.75 -16.24
C VAL A 541 -1.48 -19.53 -17.12
N PRO A 542 -2.44 -19.34 -18.03
CA PRO A 542 -2.38 -18.17 -18.91
C PRO A 542 -2.88 -16.93 -18.21
N ASP A 543 -3.85 -17.13 -17.34
CA ASP A 543 -4.48 -16.05 -16.59
C ASP A 543 -4.02 -16.07 -15.14
N GLY A 544 -2.75 -15.72 -14.90
CA GLY A 544 -2.22 -15.72 -13.53
C GLY A 544 -0.82 -15.15 -13.48
N TYR A 545 -0.07 -15.42 -12.40
CA TYR A 545 1.30 -14.88 -12.29
C TYR A 545 2.36 -15.94 -11.92
N GLY A 546 3.61 -15.50 -11.86
CA GLY A 546 4.69 -16.37 -11.44
C GLY A 546 5.39 -15.55 -10.41
N ILE A 547 5.43 -15.95 -9.15
CA ILE A 547 6.07 -15.09 -8.15
C ILE A 547 7.06 -15.79 -7.21
N CYS A 548 8.32 -15.38 -7.29
CA CYS A 548 9.36 -15.97 -6.46
C CYS A 548 10.15 -14.85 -5.80
N TYR A 549 10.49 -14.99 -4.53
CA TYR A 549 11.23 -13.94 -3.85
C TYR A 549 12.32 -14.44 -2.91
N ASN A 550 13.27 -13.55 -2.61
CA ASN A 550 14.36 -13.85 -1.67
C ASN A 550 14.22 -12.97 -0.42
N PRO A 551 13.67 -13.52 0.66
CA PRO A 551 13.50 -12.75 1.89
C PRO A 551 14.83 -12.51 2.64
N MET A 552 15.33 -11.29 2.67
CA MET A 552 16.59 -11.05 3.37
C MET A 552 16.30 -10.63 4.81
N GLU A 553 17.14 -9.75 5.35
CA GLU A 553 16.95 -9.30 6.73
C GLU A 553 16.35 -7.90 6.74
N ALA A 554 16.86 -7.06 5.85
CA ALA A 554 16.41 -5.67 5.74
C ALA A 554 15.70 -5.35 4.43
N HIS A 555 15.38 -6.39 3.67
CA HIS A 555 14.70 -6.21 2.40
C HIS A 555 14.27 -7.53 1.73
N ILE A 556 13.74 -7.45 0.52
CA ILE A 556 13.22 -8.63 -0.18
C ILE A 556 13.29 -8.47 -1.69
N ASN A 557 13.89 -9.45 -2.34
CA ASN A 557 14.01 -9.44 -3.78
C ASN A 557 12.75 -10.19 -4.23
N PHE A 558 11.99 -9.56 -5.13
CA PHE A 558 10.74 -10.13 -5.62
C PHE A 558 10.74 -10.19 -7.14
N SER A 559 10.24 -11.29 -7.71
CA SER A 559 10.12 -11.32 -9.17
C SER A 559 8.64 -11.57 -9.44
N VAL A 560 8.11 -10.98 -10.49
CA VAL A 560 6.69 -11.19 -10.83
C VAL A 560 6.53 -11.38 -12.33
N SER A 561 5.93 -12.49 -12.73
CA SER A 561 5.73 -12.76 -14.16
C SER A 561 4.25 -12.86 -14.51
N ALA A 562 3.99 -12.66 -15.80
CA ALA A 562 2.64 -12.74 -16.34
C ALA A 562 2.76 -12.73 -17.87
N TYR A 563 1.65 -13.07 -18.54
CA TYR A 563 1.60 -13.10 -20.00
C TYR A 563 0.76 -11.96 -20.54
N ASN A 564 1.26 -11.33 -21.59
CA ASN A 564 0.53 -10.23 -22.20
C ASN A 564 -0.69 -10.79 -22.92
N SER A 565 -0.63 -12.07 -23.32
CA SER A 565 -1.75 -12.71 -24.01
C SER A 565 -3.00 -12.55 -23.19
N CYS A 566 -2.79 -12.38 -21.87
CA CYS A 566 -3.91 -12.23 -20.95
C CYS A 566 -3.98 -10.79 -20.46
N ALA A 567 -4.95 -10.06 -20.99
CA ALA A 567 -5.15 -8.68 -20.64
C ALA A 567 -5.53 -8.53 -19.17
N GLU A 568 -5.97 -9.61 -18.55
CA GLU A 568 -6.38 -9.60 -17.14
C GLU A 568 -5.21 -9.57 -16.15
N THR A 569 -3.98 -9.62 -16.67
CA THR A 569 -2.80 -9.62 -15.81
C THR A 569 -1.74 -8.58 -16.22
N ASN A 570 -1.06 -8.03 -15.21
CA ASN A 570 -0.03 -7.01 -15.42
C ASN A 570 0.94 -7.13 -14.24
N ALA A 571 2.12 -7.67 -14.52
CA ALA A 571 3.16 -7.90 -13.53
C ALA A 571 3.48 -6.68 -12.67
N ALA A 572 3.66 -5.53 -13.29
CA ALA A 572 3.99 -4.30 -12.58
C ALA A 572 2.95 -3.92 -11.55
N ARG A 573 1.69 -4.03 -11.95
CA ARG A 573 0.56 -3.69 -11.10
C ARG A 573 0.50 -4.60 -9.86
N MET A 574 0.72 -5.90 -10.03
CA MET A 574 0.71 -6.81 -8.88
C MET A 574 1.88 -6.44 -7.98
N ALA A 575 2.99 -6.09 -8.60
CA ALA A 575 4.20 -5.70 -7.90
C ALA A 575 3.91 -4.43 -7.14
N HIS A 576 3.26 -3.48 -7.82
CA HIS A 576 2.91 -2.19 -7.23
C HIS A 576 1.89 -2.30 -6.07
N TYR A 577 1.04 -3.33 -6.11
CA TYR A 577 0.06 -3.56 -5.06
C TYR A 577 0.64 -4.39 -3.90
N LEU A 578 1.55 -5.31 -4.18
CA LEU A 578 2.12 -6.14 -3.12
C LEU A 578 2.94 -5.25 -2.21
N GLU A 579 3.68 -4.33 -2.84
CA GLU A 579 4.49 -3.36 -2.11
C GLU A 579 3.67 -2.59 -1.08
N LYS A 580 2.47 -2.18 -1.50
CA LYS A 580 1.55 -1.42 -0.65
C LYS A 580 0.92 -2.34 0.39
N ALA A 581 0.73 -3.61 0.05
CA ALA A 581 0.13 -4.56 0.98
C ALA A 581 1.03 -4.83 2.19
N LEU A 582 2.33 -4.98 1.95
CA LEU A 582 3.29 -5.23 3.05
C LEU A 582 3.44 -3.97 3.92
N LEU A 583 3.55 -2.82 3.28
CA LEU A 583 3.68 -1.56 4.03
C LEU A 583 2.44 -1.31 4.88
N ASP A 584 1.26 -1.62 4.31
CA ASP A 584 -0.02 -1.43 4.99
C ASP A 584 -0.10 -2.33 6.22
N MET A 585 0.14 -3.62 6.04
CA MET A 585 0.12 -4.55 7.16
C MET A 585 0.97 -4.01 8.32
N ARG A 586 2.17 -3.50 8.00
CA ARG A 586 3.07 -2.94 9.01
C ARG A 586 2.47 -1.76 9.76
N THR A 587 1.87 -0.82 9.03
CA THR A 587 1.25 0.34 9.68
C THR A 587 0.16 -0.10 10.68
N LEU A 588 -0.52 -1.22 10.40
CA LEU A 588 -1.58 -1.76 11.24
C LEU A 588 -1.04 -2.50 12.45
N LEU A 589 0.14 -3.10 12.29
CA LEU A 589 0.74 -3.86 13.37
C LEU A 589 1.50 -2.99 14.37
N GLN A 590 2.05 -1.88 13.88
CA GLN A 590 2.81 -0.91 14.71
C GLN A 590 1.92 0.07 15.48
N ASN A 591 0.67 0.16 15.06
CA ASN A 591 -0.32 1.04 15.69
C ASN A 591 -0.97 0.35 16.89
N HIS A 592 -1.16 -0.97 16.80
CA HIS A 592 -1.81 -1.72 17.88
C HIS A 592 -0.96 -2.80 18.50
N PRO A 593 -0.08 -2.44 19.43
CA PRO A 593 0.81 -3.39 20.11
C PRO A 593 0.03 -4.43 20.93
N ARG A 594 0.26 -5.72 20.62
CA ARG A 594 -0.40 -6.83 21.32
C ARG A 594 0.09 -6.84 22.76
N ALA A 595 1.29 -6.29 22.94
CA ALA A 595 1.96 -6.20 24.22
C ALA A 595 2.98 -5.07 24.15
N LYS A 596 3.45 -4.61 25.32
CA LYS A 596 4.43 -3.51 25.40
C LYS A 596 4.05 -2.29 24.55
N ALA B 1 -18.89 6.63 -9.78
CA ALA B 1 -19.44 7.03 -11.11
C ALA B 1 -18.57 8.14 -11.67
N HIS B 2 -18.96 9.38 -11.37
CA HIS B 2 -18.24 10.56 -11.83
C HIS B 2 -16.78 10.56 -11.39
N GLN B 3 -16.51 9.99 -10.21
CA GLN B 3 -15.15 9.95 -9.67
C GLN B 3 -14.12 9.29 -10.60
N ASP B 4 -14.60 8.55 -11.60
CA ASP B 4 -13.74 7.83 -12.54
C ASP B 4 -13.24 8.68 -13.71
N ALA B 5 -13.65 9.95 -13.75
CA ALA B 5 -13.22 10.84 -14.81
C ALA B 5 -12.30 11.94 -14.25
N LEU B 6 -12.63 12.45 -13.07
CA LEU B 6 -11.83 13.49 -12.43
C LEU B 6 -10.34 13.18 -12.56
N PRO B 7 -9.52 14.20 -12.87
CA PRO B 7 -8.07 13.99 -13.01
C PRO B 7 -7.47 13.54 -11.68
N ARG B 8 -6.24 13.04 -11.71
CA ARG B 8 -5.57 12.59 -10.50
C ARG B 8 -4.50 13.60 -10.05
N LEU B 9 -4.30 13.72 -8.75
CA LEU B 9 -3.32 14.64 -8.19
C LEU B 9 -1.95 14.51 -8.82
N PRO B 10 -1.45 15.58 -9.45
CA PRO B 10 -0.15 15.62 -10.12
C PRO B 10 1.02 16.01 -9.20
N VAL B 11 2.24 15.62 -9.59
CA VAL B 11 3.46 15.93 -8.85
C VAL B 11 4.16 17.12 -9.53
N PRO B 12 4.06 18.32 -8.94
CA PRO B 12 4.67 19.54 -9.50
C PRO B 12 6.15 19.39 -9.79
N PRO B 13 6.67 20.17 -10.75
CA PRO B 13 8.08 20.13 -11.12
C PRO B 13 8.98 20.64 -9.99
N LEU B 14 9.98 19.84 -9.66
CA LEU B 14 10.93 20.15 -8.59
C LEU B 14 11.33 21.62 -8.48
N GLN B 15 12.02 22.14 -9.49
CA GLN B 15 12.46 23.53 -9.44
C GLN B 15 11.32 24.54 -9.49
N GLN B 16 10.09 24.08 -9.36
CA GLN B 16 8.98 25.01 -9.38
C GLN B 16 8.58 25.28 -7.94
N SER B 17 8.41 24.21 -7.17
CA SER B 17 8.02 24.35 -5.77
C SER B 17 9.15 25.00 -5.01
N LEU B 18 10.35 24.89 -5.56
CA LEU B 18 11.52 25.44 -4.91
C LEU B 18 11.66 26.93 -5.15
N ASP B 19 11.20 27.37 -6.30
CA ASP B 19 11.27 28.78 -6.65
C ASP B 19 10.20 29.54 -5.87
N TYR B 20 9.01 28.96 -5.79
CA TYR B 20 7.90 29.58 -5.07
C TYR B 20 8.31 29.69 -3.61
N TYR B 21 8.91 28.62 -3.11
CA TYR B 21 9.37 28.57 -1.73
C TYR B 21 10.17 29.81 -1.38
N LEU B 22 11.23 30.04 -2.15
CA LEU B 22 12.09 31.17 -1.91
C LEU B 22 11.35 32.50 -2.00
N LYS B 23 10.49 32.63 -3.01
CA LYS B 23 9.73 33.85 -3.18
C LYS B 23 8.81 34.11 -1.98
N ALA B 24 8.19 33.05 -1.46
CA ALA B 24 7.28 33.14 -0.33
C ALA B 24 7.95 33.50 0.99
N LEU B 25 9.21 33.09 1.16
CA LEU B 25 9.94 33.39 2.39
C LEU B 25 10.40 34.83 2.38
N GLN B 26 10.72 35.31 1.20
CA GLN B 26 11.23 36.66 1.08
C GLN B 26 10.69 37.68 2.09
N PRO B 27 9.36 37.68 2.38
CA PRO B 27 8.74 38.62 3.32
C PRO B 27 8.64 38.17 4.79
N ILE B 28 8.87 36.89 5.04
CA ILE B 28 8.80 36.35 6.40
C ILE B 28 10.13 35.95 7.04
N VAL B 29 11.24 36.03 6.29
CA VAL B 29 12.54 35.68 6.84
C VAL B 29 13.52 36.83 6.65
N SER B 30 14.68 36.76 7.28
CA SER B 30 15.66 37.83 7.13
C SER B 30 16.54 37.61 5.91
N GLU B 31 17.29 38.62 5.52
CA GLU B 31 18.19 38.53 4.36
C GLU B 31 19.30 37.52 4.62
N GLU B 32 19.57 37.20 5.88
CA GLU B 32 20.62 36.25 6.21
C GLU B 32 20.11 34.82 6.17
N GLU B 33 18.87 34.61 6.61
CA GLU B 33 18.23 33.29 6.62
C GLU B 33 17.86 32.87 5.21
N TRP B 34 17.41 33.85 4.42
CA TRP B 34 17.01 33.60 3.05
C TRP B 34 18.22 33.24 2.21
N ALA B 35 19.18 34.16 2.15
CA ALA B 35 20.40 33.99 1.38
C ALA B 35 21.01 32.64 1.65
N HIS B 36 20.79 32.13 2.85
CA HIS B 36 21.30 30.83 3.24
C HIS B 36 20.41 29.78 2.59
N THR B 37 19.11 29.88 2.87
CA THR B 37 18.12 28.97 2.33
C THR B 37 18.28 28.88 0.82
N LYS B 38 18.72 29.98 0.21
CA LYS B 38 18.93 30.02 -1.21
C LYS B 38 19.92 28.93 -1.58
N GLN B 39 21.08 28.96 -0.93
CA GLN B 39 22.11 27.96 -1.18
C GLN B 39 21.65 26.53 -0.92
N LEU B 40 21.06 26.29 0.25
CA LEU B 40 20.57 24.97 0.61
C LEU B 40 19.72 24.40 -0.51
N VAL B 41 18.90 25.25 -1.10
CA VAL B 41 18.01 24.85 -2.18
C VAL B 41 18.74 24.65 -3.50
N ASP B 42 19.76 25.45 -3.77
CA ASP B 42 20.50 25.30 -5.01
C ASP B 42 21.26 23.99 -5.04
N GLU B 43 21.77 23.57 -3.88
CA GLU B 43 22.53 22.33 -3.83
C GLU B 43 21.59 21.14 -3.58
N PHE B 44 20.30 21.43 -3.57
CA PHE B 44 19.30 20.39 -3.34
C PHE B 44 18.57 20.05 -4.64
N GLN B 45 18.16 21.10 -5.36
CA GLN B 45 17.46 20.94 -6.63
C GLN B 45 18.39 20.50 -7.76
N THR B 46 19.61 20.12 -7.39
CA THR B 46 20.59 19.67 -8.35
C THR B 46 20.12 18.36 -8.98
N SER B 47 20.98 17.76 -9.79
CA SER B 47 20.67 16.50 -10.45
C SER B 47 21.38 15.35 -9.73
N GLY B 48 20.69 14.22 -9.59
CA GLY B 48 21.28 13.10 -8.88
C GLY B 48 21.27 13.41 -7.40
N GLY B 49 21.22 14.70 -7.08
CA GLY B 49 21.21 15.14 -5.70
C GLY B 49 19.97 14.61 -5.00
N VAL B 50 19.88 14.83 -3.69
CA VAL B 50 18.73 14.34 -2.94
C VAL B 50 17.43 14.87 -3.57
N GLY B 51 17.54 16.02 -4.23
CA GLY B 51 16.37 16.61 -4.83
C GLY B 51 15.69 15.75 -5.87
N GLU B 52 16.32 15.63 -7.04
CA GLU B 52 15.76 14.84 -8.13
C GLU B 52 15.79 13.35 -7.82
N ARG B 53 16.09 13.02 -6.57
CA ARG B 53 16.16 11.64 -6.11
C ARG B 53 14.87 11.30 -5.37
N LEU B 54 14.35 12.27 -4.64
CA LEU B 54 13.12 12.09 -3.91
C LEU B 54 11.95 12.48 -4.82
N GLN B 55 12.16 13.53 -5.63
CA GLN B 55 11.17 14.01 -6.59
C GLN B 55 10.82 12.83 -7.49
N LYS B 56 11.81 11.99 -7.74
CA LYS B 56 11.61 10.81 -8.57
C LYS B 56 10.75 9.84 -7.77
N GLY B 57 11.05 9.71 -6.48
CA GLY B 57 10.30 8.82 -5.63
C GLY B 57 8.83 9.20 -5.53
N LEU B 58 8.53 10.45 -5.87
CA LEU B 58 7.18 10.98 -5.85
C LEU B 58 6.50 10.78 -7.21
N GLU B 59 7.24 11.05 -8.27
CA GLU B 59 6.73 10.89 -9.62
C GLU B 59 6.47 9.43 -9.93
N ARG B 60 7.10 8.53 -9.18
CA ARG B 60 6.87 7.11 -9.42
C ARG B 60 5.68 6.70 -8.56
N ARG B 61 5.59 7.28 -7.37
CA ARG B 61 4.52 7.00 -6.41
C ARG B 61 3.18 7.35 -7.03
N ALA B 62 3.10 8.55 -7.63
CA ALA B 62 1.87 8.99 -8.26
C ALA B 62 1.47 8.03 -9.37
N LYS B 63 2.45 7.32 -9.95
CA LYS B 63 2.11 6.40 -11.03
C LYS B 63 1.49 5.08 -10.54
N LYS B 64 1.55 4.81 -9.25
CA LYS B 64 1.03 3.56 -8.72
C LYS B 64 -0.06 3.71 -7.66
N MET B 65 -0.66 4.89 -7.57
CA MET B 65 -1.70 5.15 -6.57
C MET B 65 -2.83 6.07 -7.06
N GLU B 66 -3.84 6.21 -6.21
CA GLU B 66 -4.98 7.04 -6.49
C GLU B 66 -4.57 8.52 -6.41
N ASN B 67 -4.27 8.95 -5.19
CA ASN B 67 -3.86 10.31 -4.90
C ASN B 67 -2.61 10.11 -4.02
N TRP B 68 -1.47 10.48 -4.57
CA TRP B 68 -0.21 10.29 -3.88
C TRP B 68 -0.13 10.89 -2.48
N LEU B 69 -0.86 11.98 -2.25
CA LEU B 69 -0.84 12.63 -0.93
C LEU B 69 -1.88 12.14 0.06
N SER B 70 -2.97 11.55 -0.43
CA SER B 70 -4.05 11.05 0.43
C SER B 70 -3.62 10.65 1.84
N GLU B 71 -3.24 9.39 1.98
CA GLU B 71 -2.83 8.84 3.26
C GLU B 71 -1.84 9.68 4.03
N TRP B 72 -0.85 10.24 3.32
CA TRP B 72 0.19 11.05 3.98
C TRP B 72 -0.34 12.29 4.73
N TRP B 73 -1.30 12.98 4.13
CA TRP B 73 -1.88 14.18 4.72
C TRP B 73 -2.89 13.82 5.80
N LEU B 74 -3.81 12.94 5.47
CA LEU B 74 -4.81 12.53 6.42
C LEU B 74 -4.17 12.12 7.76
N LYS B 75 -2.99 11.52 7.73
CA LYS B 75 -2.31 11.08 8.96
C LYS B 75 -1.47 12.18 9.63
N THR B 76 -0.81 12.99 8.81
CA THR B 76 0.02 14.10 9.30
C THR B 76 -0.79 15.24 9.93
N ALA B 77 -1.96 15.55 9.38
CA ALA B 77 -2.79 16.64 9.89
C ALA B 77 -3.81 16.28 10.94
N TYR B 78 -4.18 15.00 10.99
CA TYR B 78 -5.19 14.58 11.94
C TYR B 78 -4.91 13.31 12.74
N LEU B 79 -4.88 12.16 12.07
CA LEU B 79 -4.67 10.92 12.80
C LEU B 79 -3.44 10.87 13.71
N GLN B 80 -2.37 11.56 13.34
CA GLN B 80 -1.18 11.57 14.16
C GLN B 80 -1.15 12.71 15.19
N PHE B 81 -2.08 13.66 15.06
CA PHE B 81 -2.20 14.79 15.99
C PHE B 81 -2.72 14.26 17.32
N ARG B 82 -1.86 14.22 18.33
CA ARG B 82 -2.24 13.68 19.63
C ARG B 82 -2.87 14.69 20.60
N GLN B 83 -2.86 15.96 20.23
CA GLN B 83 -3.49 16.96 21.08
C GLN B 83 -5.02 16.80 20.93
N PRO B 84 -5.80 17.24 21.93
CA PRO B 84 -7.26 17.11 21.84
C PRO B 84 -7.84 17.57 20.49
N VAL B 85 -8.95 16.99 20.04
CA VAL B 85 -9.54 17.48 18.79
C VAL B 85 -10.40 18.67 19.21
N VAL B 86 -10.86 18.65 20.44
CA VAL B 86 -11.68 19.74 20.97
C VAL B 86 -10.91 21.07 20.91
N ILE B 87 -11.47 22.05 20.20
CA ILE B 87 -10.87 23.37 20.06
C ILE B 87 -9.69 23.40 19.10
N TYR B 88 -8.77 22.45 19.24
CA TYR B 88 -7.62 22.49 18.37
C TYR B 88 -7.82 21.89 16.98
N SER B 89 -8.84 21.06 16.81
CA SER B 89 -9.04 20.45 15.50
C SER B 89 -10.43 20.54 14.86
N SER B 90 -11.45 20.10 15.59
CA SER B 90 -12.83 20.11 15.09
C SER B 90 -13.45 21.53 15.06
N PRO B 91 -13.66 22.09 13.85
CA PRO B 91 -14.26 23.41 13.70
C PRO B 91 -15.66 23.49 14.26
N GLY B 92 -15.99 24.62 14.87
CA GLY B 92 -17.30 24.78 15.45
C GLY B 92 -18.13 25.64 14.53
N VAL B 93 -19.44 25.67 14.75
CA VAL B 93 -20.28 26.44 13.87
C VAL B 93 -21.43 27.10 14.62
N ILE B 94 -21.83 28.28 14.17
CA ILE B 94 -22.94 28.96 14.79
C ILE B 94 -24.04 29.11 13.73
N LEU B 95 -25.19 28.48 13.97
CA LEU B 95 -26.30 28.58 13.03
C LEU B 95 -27.15 29.76 13.49
N PRO B 96 -28.07 30.20 12.64
CA PRO B 96 -28.92 31.33 13.03
C PRO B 96 -29.68 31.06 14.33
N LYS B 97 -29.99 32.11 15.06
CA LYS B 97 -30.73 31.97 16.32
C LYS B 97 -32.16 31.50 16.05
N GLN B 98 -32.76 30.78 17.01
CA GLN B 98 -34.13 30.29 16.88
C GLN B 98 -35.07 31.13 17.74
N ASP B 99 -36.26 30.62 18.04
CA ASP B 99 -37.19 31.43 18.81
C ASP B 99 -37.84 30.80 20.02
N PHE B 100 -37.58 29.53 20.24
CA PHE B 100 -38.19 28.87 21.37
C PHE B 100 -37.72 29.46 22.68
N VAL B 101 -38.50 29.23 23.74
CA VAL B 101 -38.18 29.73 25.07
C VAL B 101 -38.41 28.70 26.17
N ASP B 102 -38.74 27.47 25.79
CA ASP B 102 -38.95 26.42 26.79
C ASP B 102 -38.76 25.01 26.22
N LEU B 103 -38.99 23.99 27.04
CA LEU B 103 -38.83 22.59 26.62
C LEU B 103 -39.51 22.27 25.30
N GLN B 104 -40.83 22.41 25.26
CA GLN B 104 -41.61 22.11 24.04
C GLN B 104 -40.93 22.66 22.78
N GLY B 105 -40.53 23.92 22.80
CA GLY B 105 -39.92 24.52 21.63
C GLY B 105 -38.54 24.03 21.20
N GLN B 106 -37.73 23.67 22.19
CA GLN B 106 -36.39 23.18 21.91
C GLN B 106 -36.50 21.86 21.16
N LEU B 107 -37.29 20.94 21.71
CA LEU B 107 -37.51 19.63 21.10
C LEU B 107 -38.20 19.73 19.74
N ARG B 108 -39.15 20.65 19.61
CA ARG B 108 -39.88 20.84 18.36
C ARG B 108 -38.91 21.20 17.25
N PHE B 109 -37.96 22.09 17.53
CA PHE B 109 -36.98 22.48 16.54
C PHE B 109 -35.94 21.36 16.35
N ALA B 110 -35.53 20.70 17.43
CA ALA B 110 -34.56 19.62 17.30
C ALA B 110 -35.20 18.41 16.63
N ALA B 111 -36.24 18.64 15.83
CA ALA B 111 -36.96 17.56 15.12
C ALA B 111 -37.01 17.88 13.63
N LYS B 112 -37.06 19.16 13.33
CA LYS B 112 -37.09 19.63 11.95
C LYS B 112 -35.68 19.58 11.41
N LEU B 113 -34.72 19.51 12.33
CA LEU B 113 -33.30 19.46 11.96
C LEU B 113 -33.03 18.02 11.52
N ILE B 114 -33.56 17.08 12.30
CA ILE B 114 -33.40 15.68 12.00
C ILE B 114 -34.07 15.37 10.67
N GLU B 115 -35.28 15.85 10.45
CA GLU B 115 -35.95 15.58 9.18
C GLU B 115 -35.20 16.23 8.02
N GLY B 116 -34.59 17.38 8.29
CA GLY B 116 -33.84 18.09 7.28
C GLY B 116 -32.51 17.42 6.95
N VAL B 117 -31.90 16.75 7.92
CA VAL B 117 -30.62 16.06 7.70
C VAL B 117 -30.96 14.74 6.97
N LEU B 118 -31.93 14.01 7.50
CA LEU B 118 -32.36 12.76 6.88
C LEU B 118 -32.76 12.98 5.44
N ASP B 119 -33.27 14.17 5.14
CA ASP B 119 -33.69 14.51 3.79
C ASP B 119 -32.51 14.84 2.90
N PHE B 120 -31.39 15.21 3.52
CA PHE B 120 -30.18 15.52 2.78
C PHE B 120 -29.46 14.17 2.60
N LYS B 121 -29.54 13.34 3.63
CA LYS B 121 -28.96 12.01 3.66
C LYS B 121 -29.46 11.13 2.54
N SER B 122 -30.56 11.53 1.94
CA SER B 122 -31.16 10.75 0.87
C SER B 122 -30.49 10.96 -0.47
N MET B 123 -29.88 12.13 -0.66
CA MET B 123 -29.21 12.42 -1.91
C MET B 123 -27.82 11.80 -1.92
N ILE B 124 -27.44 11.19 -0.80
CA ILE B 124 -26.15 10.53 -0.68
C ILE B 124 -26.39 9.03 -0.88
N ASP B 125 -27.32 8.46 -0.12
CA ASP B 125 -27.67 7.06 -0.23
C ASP B 125 -28.00 6.68 -1.66
N ASN B 126 -28.65 7.58 -2.37
CA ASN B 126 -29.01 7.27 -3.75
C ASN B 126 -27.96 7.76 -4.74
N GLU B 127 -27.08 8.65 -4.29
CA GLU B 127 -26.00 9.22 -5.10
C GLU B 127 -26.48 10.24 -6.13
N THR B 128 -27.49 11.00 -5.76
CA THR B 128 -28.05 12.00 -6.66
C THR B 128 -27.62 13.43 -6.30
N LEU B 129 -26.67 13.54 -5.39
CA LEU B 129 -26.16 14.84 -4.95
C LEU B 129 -25.64 15.58 -6.19
N PRO B 130 -26.14 16.80 -6.44
CA PRO B 130 -25.70 17.58 -7.60
C PRO B 130 -24.22 17.94 -7.51
N VAL B 131 -23.47 17.54 -8.52
CA VAL B 131 -22.04 17.80 -8.59
C VAL B 131 -21.77 19.30 -8.46
N GLU B 132 -20.64 19.64 -7.87
CA GLU B 132 -20.25 21.03 -7.67
C GLU B 132 -19.21 21.40 -8.73
N PHE B 133 -18.94 22.69 -8.88
CA PHE B 133 -17.99 23.15 -9.88
C PHE B 133 -16.90 24.07 -9.35
N LEU B 134 -16.01 24.46 -10.26
CA LEU B 134 -14.88 25.34 -9.94
C LEU B 134 -14.60 26.25 -11.15
N GLY B 135 -15.51 26.22 -12.12
CA GLY B 135 -15.37 27.01 -13.34
C GLY B 135 -15.12 26.08 -14.52
N GLY B 136 -16.12 25.30 -14.89
CA GLY B 136 -15.94 24.35 -15.99
C GLY B 136 -14.93 23.32 -15.51
N GLN B 137 -14.94 23.09 -14.20
CA GLN B 137 -14.04 22.15 -13.57
C GLN B 137 -14.83 21.42 -12.49
N PRO B 138 -15.04 20.11 -12.67
CA PRO B 138 -15.78 19.23 -11.73
C PRO B 138 -15.06 19.00 -10.40
N LEU B 139 -15.82 18.70 -9.35
CA LEU B 139 -15.21 18.48 -8.03
C LEU B 139 -15.39 17.08 -7.44
N CYS B 140 -14.44 16.69 -6.60
CA CYS B 140 -14.48 15.39 -5.96
C CYS B 140 -15.59 15.39 -4.90
N MET B 141 -16.53 14.45 -5.00
CA MET B 141 -17.64 14.38 -4.05
C MET B 141 -17.45 13.33 -2.99
N ASN B 142 -16.24 12.79 -2.90
CA ASN B 142 -15.96 11.73 -1.95
C ASN B 142 -16.13 12.03 -0.48
N GLN B 143 -15.94 13.29 -0.10
CA GLN B 143 -16.06 13.68 1.30
C GLN B 143 -17.48 13.51 1.84
N TYR B 144 -18.49 13.69 0.99
CA TYR B 144 -19.89 13.57 1.41
C TYR B 144 -20.23 12.15 1.84
N TYR B 145 -19.29 11.23 1.71
CA TYR B 145 -19.55 9.84 2.08
C TYR B 145 -18.79 9.43 3.33
N GLN B 146 -18.11 10.39 3.94
CA GLN B 146 -17.35 10.13 5.16
C GLN B 146 -18.00 10.83 6.35
N ILE B 147 -18.76 11.90 6.08
CA ILE B 147 -19.42 12.67 7.13
C ILE B 147 -20.52 11.95 7.91
N LEU B 148 -21.46 11.33 7.20
CA LEU B 148 -22.57 10.63 7.85
C LEU B 148 -22.27 9.21 8.31
N SER B 149 -23.12 8.74 9.22
CA SER B 149 -23.01 7.40 9.77
C SER B 149 -21.58 6.98 10.05
N SER B 150 -20.77 7.85 10.67
CA SER B 150 -19.39 7.52 11.01
C SER B 150 -18.98 7.96 12.42
N CYS B 151 -17.69 7.92 12.71
CA CYS B 151 -17.14 8.35 14.01
C CYS B 151 -15.62 8.19 14.04
N ARG B 152 -14.98 8.82 15.01
CA ARG B 152 -13.54 8.75 15.14
C ARG B 152 -13.24 7.71 16.21
N VAL B 153 -12.10 7.05 16.08
CA VAL B 153 -11.69 6.02 17.03
C VAL B 153 -10.28 6.29 17.57
N PRO B 154 -10.09 6.08 18.88
CA PRO B 154 -8.79 6.28 19.54
C PRO B 154 -7.75 5.26 19.09
N GLY B 155 -6.48 5.60 19.25
CA GLY B 155 -5.42 4.70 18.88
C GLY B 155 -4.14 5.13 19.56
N PRO B 156 -3.55 4.30 20.45
CA PRO B 156 -2.31 4.66 21.14
C PRO B 156 -1.27 5.37 20.27
N LYS B 157 -1.03 4.86 19.07
CA LYS B 157 -0.06 5.49 18.20
C LYS B 157 -0.75 6.64 17.49
N GLN B 158 -1.60 6.32 16.51
CA GLN B 158 -2.34 7.31 15.76
C GLN B 158 -3.81 6.95 15.89
N ASP B 159 -4.71 7.70 15.27
CA ASP B 159 -6.14 7.38 15.39
C ASP B 159 -6.73 6.85 14.11
N SER B 160 -7.82 6.11 14.26
CA SER B 160 -8.48 5.50 13.12
C SER B 160 -9.87 6.04 12.87
N VAL B 161 -10.47 5.59 11.78
CA VAL B 161 -11.81 6.02 11.38
C VAL B 161 -12.67 4.82 10.93
N VAL B 162 -13.96 4.85 11.26
CA VAL B 162 -14.93 3.81 10.88
C VAL B 162 -16.11 4.46 10.12
N ASN B 163 -16.59 3.79 9.09
CA ASN B 163 -17.69 4.32 8.28
C ASN B 163 -18.68 3.21 7.92
N PHE B 164 -19.92 3.33 8.41
CA PHE B 164 -20.94 2.32 8.13
C PHE B 164 -21.99 2.80 7.12
N LEU B 165 -21.70 3.89 6.42
CA LEU B 165 -22.64 4.45 5.45
C LEU B 165 -23.02 3.49 4.33
N LYS B 166 -22.13 2.55 4.02
CA LYS B 166 -22.37 1.62 2.92
C LYS B 166 -22.38 0.14 3.25
N SER B 167 -22.51 -0.22 4.52
CA SER B 167 -22.53 -1.62 4.93
C SER B 167 -23.67 -2.40 4.26
N LYS B 168 -23.87 -3.65 4.68
CA LYS B 168 -24.93 -4.48 4.11
C LYS B 168 -26.25 -3.78 4.44
N ARG B 169 -26.45 -3.51 5.73
CA ARG B 169 -27.62 -2.81 6.24
C ARG B 169 -27.17 -1.57 7.03
N PRO B 170 -27.04 -0.43 6.34
CA PRO B 170 -26.62 0.81 6.99
C PRO B 170 -27.32 1.15 8.30
N PRO B 171 -26.69 2.00 9.13
CA PRO B 171 -27.34 2.34 10.41
C PRO B 171 -28.65 3.11 10.22
N THR B 172 -29.62 2.86 11.09
CA THR B 172 -30.92 3.53 10.99
C THR B 172 -31.29 4.35 12.22
N HIS B 173 -30.33 4.56 13.12
CA HIS B 173 -30.58 5.36 14.33
C HIS B 173 -29.70 6.60 14.35
N ILE B 174 -29.82 7.33 15.47
CA ILE B 174 -29.06 8.54 15.75
C ILE B 174 -28.84 8.59 17.26
N THR B 175 -27.84 9.33 17.72
CA THR B 175 -27.67 9.42 19.16
C THR B 175 -28.25 10.75 19.65
N VAL B 176 -28.62 10.80 20.92
CA VAL B 176 -29.16 12.01 21.54
C VAL B 176 -28.73 12.06 23.02
N VAL B 177 -28.06 13.14 23.43
CA VAL B 177 -27.62 13.28 24.83
C VAL B 177 -28.37 14.42 25.55
N HIS B 178 -28.83 14.18 26.77
CA HIS B 178 -29.53 15.22 27.53
C HIS B 178 -29.16 14.96 28.98
N ASN B 179 -28.42 15.89 29.58
CA ASN B 179 -27.93 15.76 30.96
C ASN B 179 -26.82 14.68 31.05
N TYR B 180 -26.02 14.59 29.99
CA TYR B 180 -24.90 13.66 29.85
C TYR B 180 -25.30 12.19 29.50
N GLN B 181 -26.61 11.93 29.40
CA GLN B 181 -27.12 10.59 29.06
C GLN B 181 -27.36 10.42 27.55
N PHE B 182 -26.86 9.32 27.00
CA PHE B 182 -27.00 9.00 25.57
C PHE B 182 -28.18 8.06 25.33
N PHE B 183 -28.85 8.27 24.20
CA PHE B 183 -30.00 7.51 23.75
C PHE B 183 -29.89 7.15 22.30
N GLU B 184 -30.37 5.95 21.97
CA GLU B 184 -30.39 5.42 20.62
C GLU B 184 -31.83 5.59 20.10
N LEU B 185 -31.99 6.32 18.99
CA LEU B 185 -33.30 6.57 18.42
C LEU B 185 -33.43 6.33 16.90
N ASP B 186 -34.18 5.27 16.53
CA ASP B 186 -34.44 4.92 15.12
C ASP B 186 -35.25 6.03 14.47
N VAL B 187 -34.75 6.52 13.34
CA VAL B 187 -35.40 7.61 12.61
C VAL B 187 -35.88 7.14 11.27
N TYR B 188 -36.22 5.84 11.21
CA TYR B 188 -36.68 5.21 9.99
C TYR B 188 -37.65 4.13 10.40
N HIS B 189 -38.79 4.09 9.71
CA HIS B 189 -39.82 3.08 9.95
C HIS B 189 -39.34 1.80 9.28
N SER B 190 -39.95 0.67 9.66
CA SER B 190 -39.60 -0.64 9.11
C SER B 190 -39.37 -0.71 7.58
N ASP B 191 -40.37 -0.31 6.79
CA ASP B 191 -40.24 -0.34 5.34
C ASP B 191 -39.34 0.73 4.71
N GLY B 192 -38.43 1.29 5.49
CA GLY B 192 -37.50 2.28 4.96
C GLY B 192 -37.96 3.73 4.82
N THR B 193 -39.22 3.99 5.12
CA THR B 193 -39.77 5.35 5.03
C THR B 193 -39.30 6.16 6.23
N PRO B 194 -38.77 7.37 5.98
CA PRO B 194 -38.29 8.22 7.07
C PRO B 194 -39.41 8.68 8.00
N LEU B 195 -39.07 8.95 9.24
CA LEU B 195 -40.04 9.43 10.19
C LEU B 195 -40.31 10.89 9.89
N THR B 196 -41.23 11.48 10.64
CA THR B 196 -41.60 12.87 10.46
C THR B 196 -41.38 13.72 11.71
N SER B 197 -41.57 15.03 11.59
CA SER B 197 -41.42 15.95 12.72
C SER B 197 -42.28 15.49 13.89
N ASP B 198 -43.45 14.96 13.57
CA ASP B 198 -44.42 14.44 14.54
C ASP B 198 -43.82 13.34 15.39
N GLN B 199 -43.36 12.29 14.72
CA GLN B 199 -42.77 11.16 15.43
C GLN B 199 -41.48 11.50 16.18
N ILE B 200 -40.53 12.15 15.51
CA ILE B 200 -39.27 12.53 16.15
C ILE B 200 -39.54 13.23 17.48
N PHE B 201 -40.35 14.29 17.42
CA PHE B 201 -40.71 15.05 18.61
C PHE B 201 -41.17 14.11 19.71
N VAL B 202 -42.15 13.26 19.38
CA VAL B 202 -42.70 12.30 20.33
C VAL B 202 -41.59 11.43 20.95
N GLN B 203 -40.65 11.00 20.11
CA GLN B 203 -39.52 10.17 20.53
C GLN B 203 -38.48 10.97 21.32
N LEU B 204 -38.56 12.29 21.23
CA LEU B 204 -37.64 13.16 21.96
C LEU B 204 -38.13 13.49 23.36
N GLU B 205 -39.45 13.59 23.51
CA GLU B 205 -40.08 13.90 24.79
C GLU B 205 -39.93 12.68 25.72
N LYS B 206 -39.90 11.48 25.13
CA LYS B 206 -39.72 10.24 25.87
C LYS B 206 -38.29 10.24 26.38
N ILE B 207 -37.38 10.70 25.53
CA ILE B 207 -35.95 10.77 25.83
C ILE B 207 -35.64 11.87 26.85
N TRP B 208 -36.43 12.93 26.85
CA TRP B 208 -36.22 14.04 27.77
C TRP B 208 -36.61 13.69 29.20
N ASN B 209 -37.81 13.13 29.34
CA ASN B 209 -38.34 12.75 30.64
C ASN B 209 -37.54 11.59 31.24
N SER B 210 -36.97 10.75 30.39
CA SER B 210 -36.19 9.59 30.86
C SER B 210 -34.88 10.02 31.50
N SER B 211 -34.33 11.13 31.00
CA SER B 211 -33.07 11.65 31.50
C SER B 211 -33.21 13.07 32.05
N LEU B 212 -33.95 13.20 33.16
CA LEU B 212 -34.14 14.52 33.78
C LEU B 212 -33.08 14.80 34.82
N GLN B 213 -32.63 13.75 35.50
CA GLN B 213 -31.62 13.84 36.55
C GLN B 213 -30.31 14.40 36.03
N SER B 214 -29.60 15.12 36.88
CA SER B 214 -28.33 15.69 36.51
C SER B 214 -27.22 15.11 37.40
N ASN B 215 -27.48 13.95 37.97
CA ASN B 215 -26.52 13.27 38.83
C ASN B 215 -25.90 12.04 38.13
N LYS B 216 -25.61 12.18 36.84
CA LYS B 216 -25.03 11.08 36.09
C LYS B 216 -23.70 11.47 35.47
N GLU B 217 -22.65 10.72 35.79
CA GLU B 217 -21.31 11.01 35.26
C GLU B 217 -21.33 11.29 33.74
N PRO B 218 -20.56 12.30 33.30
CA PRO B 218 -20.47 12.71 31.90
C PRO B 218 -19.41 11.92 31.11
N VAL B 219 -19.59 10.60 31.03
CA VAL B 219 -18.65 9.71 30.34
C VAL B 219 -18.22 10.27 28.99
N GLY B 220 -19.04 11.17 28.43
CA GLY B 220 -18.73 11.77 27.15
C GLY B 220 -17.62 12.82 27.16
N ILE B 221 -17.31 13.33 28.34
CA ILE B 221 -16.27 14.35 28.48
C ILE B 221 -14.85 13.74 28.33
N LEU B 222 -14.75 12.42 28.42
CA LEU B 222 -13.46 11.74 28.26
C LEU B 222 -12.92 11.99 26.87
N THR B 223 -13.84 12.13 25.92
CA THR B 223 -13.47 12.34 24.53
C THR B 223 -12.92 13.73 24.22
N SER B 224 -12.58 14.50 25.24
CA SER B 224 -12.02 15.84 25.01
C SER B 224 -10.60 15.92 25.56
N ASN B 225 -10.12 14.80 26.11
CA ASN B 225 -8.79 14.81 26.67
C ASN B 225 -7.74 14.50 25.58
N HIS B 226 -6.47 14.53 25.97
CA HIS B 226 -5.34 14.24 25.09
C HIS B 226 -5.63 12.88 24.49
N ARG B 227 -5.45 12.74 23.19
CA ARG B 227 -5.67 11.48 22.49
C ARG B 227 -4.93 10.30 23.14
N ASN B 228 -3.68 10.52 23.55
CA ASN B 228 -2.90 9.47 24.22
C ASN B 228 -3.66 8.99 25.44
N THR B 229 -4.10 9.92 26.26
CA THR B 229 -4.84 9.54 27.44
C THR B 229 -6.17 8.91 26.98
N TRP B 230 -7.00 9.61 26.21
CA TRP B 230 -8.30 9.06 25.75
C TRP B 230 -8.16 7.64 25.20
N ALA B 231 -7.06 7.39 24.50
CA ALA B 231 -6.77 6.09 23.94
C ALA B 231 -6.86 5.04 25.04
N LYS B 232 -6.11 5.28 26.11
CA LYS B 232 -6.10 4.36 27.22
C LYS B 232 -7.44 4.36 27.90
N ALA B 233 -7.90 5.54 28.26
CA ALA B 233 -9.18 5.66 28.94
C ALA B 233 -10.30 4.93 28.18
N TYR B 234 -10.40 5.14 26.88
CA TYR B 234 -11.42 4.51 26.03
C TYR B 234 -11.36 2.99 26.13
N ASN B 235 -10.17 2.45 25.95
CA ASN B 235 -9.99 1.02 26.03
C ASN B 235 -10.48 0.49 27.36
N ASN B 236 -10.15 1.15 28.47
CA ASN B 236 -10.62 0.64 29.76
C ASN B 236 -12.15 0.71 29.91
N LEU B 237 -12.74 1.71 29.26
CA LEU B 237 -14.19 1.94 29.29
C LEU B 237 -14.91 0.75 28.62
N ILE B 238 -14.52 0.43 27.40
CA ILE B 238 -15.11 -0.68 26.65
C ILE B 238 -14.75 -2.07 27.19
N LYS B 239 -14.14 -2.13 28.37
CA LYS B 239 -13.82 -3.44 28.96
C LYS B 239 -15.14 -4.07 29.35
N ASP B 240 -16.10 -3.24 29.78
CA ASP B 240 -17.46 -3.65 30.20
C ASP B 240 -18.27 -3.93 28.95
N LYS B 241 -19.11 -4.96 29.00
CA LYS B 241 -19.95 -5.34 27.86
C LYS B 241 -20.93 -4.23 27.47
N VAL B 242 -21.74 -3.80 28.42
CA VAL B 242 -22.71 -2.76 28.12
C VAL B 242 -22.07 -1.47 27.61
N ASN B 243 -20.92 -1.09 28.19
CA ASN B 243 -20.22 0.13 27.77
C ASN B 243 -19.81 0.00 26.32
N ARG B 244 -19.40 -1.21 25.92
CA ARG B 244 -18.99 -1.44 24.54
C ARG B 244 -20.21 -1.35 23.63
N GLU B 245 -21.35 -1.78 24.15
CA GLU B 245 -22.61 -1.72 23.41
C GLU B 245 -23.03 -0.26 23.27
N SER B 246 -22.89 0.52 24.34
CA SER B 246 -23.27 1.93 24.28
C SER B 246 -22.40 2.75 23.32
N VAL B 247 -21.08 2.54 23.37
CA VAL B 247 -20.14 3.26 22.51
C VAL B 247 -20.32 2.93 21.04
N ASN B 248 -20.41 1.62 20.76
CA ASN B 248 -20.59 1.11 19.39
C ASN B 248 -21.86 1.67 18.78
N SER B 249 -22.95 1.66 19.54
CA SER B 249 -24.17 2.24 19.02
C SER B 249 -23.84 3.68 18.61
N ILE B 250 -23.34 4.49 19.55
CA ILE B 250 -22.97 5.88 19.27
C ILE B 250 -22.09 6.03 18.01
N GLN B 251 -21.18 5.06 17.79
CA GLN B 251 -20.27 5.08 16.63
C GLN B 251 -20.89 4.73 15.26
N LYS B 252 -22.09 4.16 15.26
CA LYS B 252 -22.79 3.81 14.02
C LYS B 252 -23.80 4.85 13.55
N SER B 253 -24.30 5.69 14.47
CA SER B 253 -25.31 6.72 14.16
C SER B 253 -24.99 7.60 12.95
N ILE B 254 -26.01 8.20 12.32
CA ILE B 254 -25.78 9.06 11.15
C ILE B 254 -25.18 10.39 11.66
N PHE B 255 -25.49 10.69 12.92
CA PHE B 255 -24.99 11.87 13.56
C PHE B 255 -25.49 11.86 14.98
N THR B 256 -25.12 12.87 15.74
CA THR B 256 -25.52 12.99 17.13
C THR B 256 -26.15 14.35 17.36
N VAL B 257 -27.21 14.35 18.17
CA VAL B 257 -27.94 15.56 18.49
C VAL B 257 -27.80 15.77 19.99
N CYS B 258 -27.41 17.00 20.36
CA CYS B 258 -27.22 17.35 21.77
C CYS B 258 -28.24 18.39 22.27
N LEU B 259 -28.94 18.07 23.36
CA LEU B 259 -29.94 18.96 23.93
C LEU B 259 -29.28 19.52 25.18
N ASP B 260 -28.78 20.74 25.06
CA ASP B 260 -28.08 21.35 26.18
C ASP B 260 -28.95 21.81 27.33
N LYS B 261 -28.29 22.27 28.39
CA LYS B 261 -28.97 22.78 29.57
C LYS B 261 -28.75 24.28 29.63
N GLN B 262 -29.49 24.93 30.52
CA GLN B 262 -29.43 26.37 30.71
C GLN B 262 -28.08 26.83 31.26
N VAL B 263 -27.46 27.79 30.58
CA VAL B 263 -26.18 28.31 31.01
C VAL B 263 -26.32 29.78 31.39
N PRO B 264 -25.36 30.30 32.20
CA PRO B 264 -25.34 31.69 32.67
C PRO B 264 -25.60 32.72 31.61
N ARG B 265 -26.32 33.77 31.99
CA ARG B 265 -26.64 34.88 31.09
C ARG B 265 -25.45 35.81 31.00
N VAL B 266 -25.22 36.39 29.83
CA VAL B 266 -24.11 37.31 29.67
C VAL B 266 -24.55 38.53 28.89
N SER B 267 -23.65 39.52 28.79
CA SER B 267 -23.92 40.76 28.05
C SER B 267 -24.07 40.48 26.56
N ASP B 268 -24.94 41.25 25.89
CA ASP B 268 -25.18 41.07 24.46
C ASP B 268 -23.96 41.34 23.59
N ASP B 269 -22.91 41.91 24.20
CA ASP B 269 -21.70 42.24 23.47
C ASP B 269 -20.68 41.09 23.49
N VAL B 270 -21.01 40.04 24.24
CA VAL B 270 -20.16 38.87 24.36
C VAL B 270 -21.01 37.61 24.29
N TYR B 271 -22.25 37.77 23.82
CA TYR B 271 -23.19 36.67 23.70
C TYR B 271 -22.73 35.65 22.67
N ARG B 272 -22.49 36.09 21.43
CA ARG B 272 -22.06 35.18 20.38
C ARG B 272 -20.70 34.52 20.68
N ASN B 273 -19.82 35.25 21.35
CA ASN B 273 -18.52 34.73 21.74
C ASN B 273 -18.78 33.56 22.68
N HIS B 274 -19.72 33.75 23.59
CA HIS B 274 -20.11 32.71 24.54
C HIS B 274 -20.79 31.58 23.80
N VAL B 275 -21.70 31.89 22.88
CA VAL B 275 -22.40 30.84 22.14
C VAL B 275 -21.38 30.02 21.34
N ALA B 276 -20.47 30.72 20.67
CA ALA B 276 -19.40 30.08 19.88
C ALA B 276 -18.58 29.14 20.74
N GLY B 277 -18.39 29.51 22.00
CA GLY B 277 -17.62 28.69 22.93
C GLY B 277 -18.41 27.47 23.32
N GLN B 278 -19.72 27.65 23.48
CA GLN B 278 -20.61 26.58 23.84
C GLN B 278 -20.55 25.44 22.79
N MET B 279 -20.48 25.83 21.51
CA MET B 279 -20.42 24.90 20.40
C MET B 279 -19.09 24.12 20.33
N LEU B 280 -18.04 24.93 20.30
CA LEU B 280 -16.65 24.48 20.23
C LEU B 280 -16.28 23.55 21.39
N HIS B 281 -16.57 23.93 22.64
CA HIS B 281 -16.23 23.06 23.78
C HIS B 281 -17.32 22.78 24.78
N GLY B 282 -18.45 23.49 24.67
CA GLY B 282 -19.54 23.27 25.60
C GLY B 282 -19.52 24.08 26.88
N GLY B 283 -18.49 24.93 27.04
CA GLY B 283 -18.41 25.78 28.23
C GLY B 283 -17.71 25.23 29.46
N GLY B 284 -17.70 23.90 29.60
CA GLY B 284 -17.06 23.30 30.76
C GLY B 284 -17.79 22.10 31.33
N SER B 285 -17.15 21.42 32.27
CA SER B 285 -17.66 20.23 32.93
C SER B 285 -18.99 20.41 33.67
N LYS B 286 -19.27 21.64 34.09
CA LYS B 286 -20.51 21.93 34.81
C LYS B 286 -21.62 22.44 33.89
N PHE B 287 -21.31 22.50 32.59
CA PHE B 287 -22.26 22.96 31.56
C PHE B 287 -22.58 21.88 30.53
N ASN B 288 -22.11 22.07 29.29
CA ASN B 288 -22.39 21.09 28.24
C ASN B 288 -21.14 20.45 27.61
N SER B 289 -20.20 20.03 28.44
CA SER B 289 -18.98 19.39 27.95
C SER B 289 -19.19 17.88 28.00
N GLY B 290 -19.88 17.42 29.02
CA GLY B 290 -20.16 16.01 29.14
C GLY B 290 -21.41 15.61 28.34
N ASN B 291 -22.00 16.57 27.64
CA ASN B 291 -23.20 16.31 26.84
C ASN B 291 -22.78 16.31 25.38
N ARG B 292 -21.77 15.53 25.07
CA ARG B 292 -21.17 15.43 23.73
C ARG B 292 -20.42 14.09 23.53
N TRP B 293 -19.85 13.96 22.33
CA TRP B 293 -19.03 12.82 21.94
C TRP B 293 -18.27 13.45 20.78
N PHE B 294 -17.02 13.84 21.03
CA PHE B 294 -16.25 14.51 20.00
C PHE B 294 -15.66 13.66 18.88
N ASP B 295 -15.69 12.35 19.06
CA ASP B 295 -15.18 11.46 18.03
C ASP B 295 -16.14 11.44 16.88
N LYS B 296 -17.42 11.50 17.25
CA LYS B 296 -18.50 11.51 16.30
C LYS B 296 -18.23 12.53 15.20
N THR B 297 -18.37 12.12 13.95
CA THR B 297 -18.11 13.06 12.89
C THR B 297 -18.99 14.31 12.98
N LEU B 298 -20.29 14.11 13.06
CA LEU B 298 -21.23 15.23 13.09
C LEU B 298 -21.97 15.36 14.41
N GLN B 299 -21.87 16.52 15.05
CA GLN B 299 -22.60 16.69 16.28
C GLN B 299 -23.46 17.92 16.16
N PHE B 300 -24.79 17.75 16.23
CA PHE B 300 -25.67 18.91 16.14
C PHE B 300 -26.08 19.39 17.52
N ILE B 301 -25.94 20.69 17.75
CA ILE B 301 -26.26 21.26 19.05
C ILE B 301 -27.48 22.18 19.05
N VAL B 302 -28.35 21.99 20.04
CA VAL B 302 -29.57 22.77 20.20
C VAL B 302 -29.59 23.27 21.65
N ALA B 303 -29.20 24.53 21.83
CA ALA B 303 -29.12 25.14 23.16
C ALA B 303 -30.45 25.45 23.82
N GLU B 304 -30.44 25.45 25.15
CA GLU B 304 -31.63 25.72 25.96
C GLU B 304 -32.21 27.14 25.75
N ASP B 305 -31.35 28.15 25.62
CA ASP B 305 -31.78 29.55 25.45
C ASP B 305 -32.18 29.95 24.02
N GLY B 306 -32.27 28.97 23.13
CA GLY B 306 -32.65 29.26 21.75
C GLY B 306 -31.56 29.23 20.70
N SER B 307 -30.29 29.09 21.10
CA SER B 307 -29.20 29.06 20.13
C SER B 307 -28.96 27.66 19.51
N CYS B 308 -28.32 27.60 18.35
CA CYS B 308 -28.06 26.30 17.74
C CYS B 308 -26.78 26.23 16.89
N GLY B 309 -26.16 25.06 16.83
CA GLY B 309 -24.98 24.96 16.00
C GLY B 309 -24.47 23.53 15.90
N MET B 310 -23.20 23.39 15.57
CA MET B 310 -22.61 22.04 15.45
C MET B 310 -21.09 22.10 15.44
N VAL B 311 -20.47 21.00 15.85
CA VAL B 311 -19.02 20.83 15.88
C VAL B 311 -18.76 19.49 15.14
N TYR B 312 -17.94 19.48 14.10
CA TYR B 312 -17.69 18.21 13.37
C TYR B 312 -16.22 17.76 13.40
N GLU B 313 -15.99 16.46 13.18
CA GLU B 313 -14.65 15.84 13.18
C GLU B 313 -13.92 16.28 11.90
N HIS B 314 -12.75 16.87 12.05
CA HIS B 314 -12.05 17.39 10.88
C HIS B 314 -11.39 16.41 9.90
N ALA B 315 -11.13 15.19 10.33
CA ALA B 315 -10.50 14.19 9.46
C ALA B 315 -11.30 13.93 8.19
N ALA B 316 -12.59 13.64 8.37
CA ALA B 316 -13.48 13.32 7.25
C ALA B 316 -13.47 14.28 6.08
N ALA B 317 -14.10 15.44 6.23
CA ALA B 317 -14.17 16.39 5.15
C ALA B 317 -13.77 17.78 5.61
N GLU B 318 -13.78 18.72 4.67
CA GLU B 318 -13.46 20.12 4.90
C GLU B 318 -14.70 20.89 5.39
N GLY B 319 -14.69 22.21 5.22
CA GLY B 319 -15.81 23.00 5.70
C GLY B 319 -16.99 23.12 4.74
N PRO B 320 -16.72 23.28 3.43
CA PRO B 320 -17.73 23.41 2.39
C PRO B 320 -18.73 22.25 2.29
N PRO B 321 -18.26 20.98 2.39
CA PRO B 321 -19.14 19.80 2.31
C PRO B 321 -20.09 19.76 3.50
N ILE B 322 -19.64 20.28 4.63
CA ILE B 322 -20.43 20.32 5.85
C ILE B 322 -21.50 21.41 5.75
N VAL B 323 -21.17 22.51 5.05
CA VAL B 323 -22.10 23.63 4.89
C VAL B 323 -22.98 23.52 3.65
N ALA B 324 -22.84 22.42 2.92
CA ALA B 324 -23.66 22.17 1.73
C ALA B 324 -24.89 21.45 2.27
N LEU B 325 -24.70 20.85 3.44
CA LEU B 325 -25.73 20.14 4.16
C LEU B 325 -26.49 21.08 5.09
N VAL B 326 -25.85 22.18 5.50
CA VAL B 326 -26.44 23.20 6.38
C VAL B 326 -27.43 24.03 5.59
N ASP B 327 -26.99 24.59 4.48
CA ASP B 327 -27.89 25.40 3.69
C ASP B 327 -29.14 24.60 3.41
N HIS B 328 -28.95 23.36 3.00
CA HIS B 328 -30.06 22.48 2.69
C HIS B 328 -30.95 22.15 3.89
N VAL B 329 -30.34 21.76 5.01
CA VAL B 329 -31.11 21.44 6.20
C VAL B 329 -31.85 22.67 6.77
N MET B 330 -31.16 23.82 6.84
CA MET B 330 -31.76 25.06 7.34
C MET B 330 -32.91 25.50 6.44
N GLU B 331 -32.73 25.28 5.14
CA GLU B 331 -33.73 25.63 4.13
C GLU B 331 -34.95 24.72 4.29
N TYR B 332 -34.71 23.51 4.78
CA TYR B 332 -35.78 22.53 4.99
C TYR B 332 -36.58 22.82 6.24
N THR B 333 -35.93 23.44 7.22
CA THR B 333 -36.55 23.80 8.49
C THR B 333 -37.44 25.00 8.28
N LYS B 334 -37.33 25.61 7.10
CA LYS B 334 -38.12 26.77 6.74
C LYS B 334 -39.16 26.44 5.67
N LYS B 335 -39.70 25.22 5.73
CA LYS B 335 -40.72 24.81 4.76
C LYS B 335 -42.08 24.71 5.42
N PRO B 336 -43.15 24.92 4.62
CA PRO B 336 -44.56 24.89 5.05
C PRO B 336 -44.97 23.66 5.87
N GLU B 337 -45.90 23.87 6.81
CA GLU B 337 -46.38 22.79 7.68
C GLU B 337 -47.50 21.95 7.05
N LEU B 338 -47.19 21.29 5.93
CA LEU B 338 -48.17 20.48 5.21
C LEU B 338 -49.04 19.63 6.15
N VAL B 339 -50.21 19.26 5.64
CA VAL B 339 -51.19 18.46 6.37
C VAL B 339 -50.62 17.51 7.41
N ARG B 340 -51.30 17.43 8.55
CA ARG B 340 -50.87 16.56 9.64
C ARG B 340 -51.34 15.14 9.38
N SER B 341 -51.48 14.37 10.46
CA SER B 341 -51.91 12.98 10.35
C SER B 341 -51.89 12.28 11.70
N PRO B 342 -52.77 11.28 11.86
CA PRO B 342 -52.89 10.49 13.10
C PRO B 342 -51.58 9.77 13.46
N MET B 343 -51.16 9.92 14.72
CA MET B 343 -49.93 9.29 15.19
C MET B 343 -50.06 7.77 15.26
N VAL B 344 -48.93 7.09 15.10
CA VAL B 344 -48.88 5.63 15.13
C VAL B 344 -48.03 5.13 16.30
N PRO B 345 -48.17 3.85 16.66
CA PRO B 345 -47.40 3.27 17.77
C PRO B 345 -45.90 3.48 17.58
N LEU B 346 -45.23 4.02 18.60
CA LEU B 346 -43.79 4.24 18.50
C LEU B 346 -43.06 3.46 19.57
N PRO B 347 -41.83 3.03 19.27
CA PRO B 347 -41.03 2.27 20.22
C PRO B 347 -40.27 3.16 21.20
N MET B 348 -39.91 2.59 22.35
CA MET B 348 -39.15 3.32 23.37
C MET B 348 -37.66 3.41 22.98
N PRO B 349 -37.17 4.64 22.72
CA PRO B 349 -35.77 4.89 22.35
C PRO B 349 -34.82 4.26 23.37
N LYS B 350 -33.90 3.41 22.90
CA LYS B 350 -32.98 2.72 23.84
C LYS B 350 -31.95 3.63 24.50
N LYS B 351 -31.89 3.56 25.82
CA LYS B 351 -30.97 4.37 26.61
C LYS B 351 -29.57 3.74 26.71
N LEU B 352 -28.63 4.35 26.00
CA LEU B 352 -27.25 3.89 25.98
C LEU B 352 -26.56 4.19 27.32
N ARG B 353 -26.62 3.23 28.24
CA ARG B 353 -26.03 3.40 29.57
C ARG B 353 -24.57 2.98 29.75
N PHE B 354 -23.90 3.59 30.74
CA PHE B 354 -22.50 3.32 31.05
C PHE B 354 -22.27 2.85 32.50
N ASN B 355 -21.53 1.76 32.66
CA ASN B 355 -21.23 1.21 33.98
C ASN B 355 -19.97 1.91 34.54
N ILE B 356 -20.12 2.65 35.62
CA ILE B 356 -18.98 3.38 36.21
C ILE B 356 -18.16 2.58 37.19
N THR B 357 -16.90 2.94 37.28
CA THR B 357 -15.95 2.31 38.18
C THR B 357 -14.99 3.38 38.68
N PRO B 358 -14.28 3.11 39.79
CA PRO B 358 -13.32 4.07 40.34
C PRO B 358 -12.30 4.49 39.30
N GLU B 359 -11.84 3.52 38.51
CA GLU B 359 -10.88 3.79 37.45
C GLU B 359 -11.52 4.79 36.49
N ILE B 360 -12.65 4.38 35.90
CA ILE B 360 -13.42 5.20 34.96
C ILE B 360 -13.71 6.61 35.48
N LYS B 361 -14.12 6.70 36.74
CA LYS B 361 -14.44 7.97 37.34
C LYS B 361 -13.23 8.90 37.38
N ASN B 362 -12.08 8.35 37.75
CA ASN B 362 -10.85 9.12 37.83
C ASN B 362 -10.55 9.72 36.47
N ASP B 363 -10.79 8.98 35.40
CA ASP B 363 -10.48 9.51 34.09
C ASP B 363 -11.39 10.67 33.71
N ILE B 364 -12.62 10.67 34.24
CA ILE B 364 -13.58 11.72 33.98
C ILE B 364 -13.12 12.95 34.76
N GLU B 365 -12.77 12.74 36.02
CA GLU B 365 -12.28 13.80 36.86
C GLU B 365 -11.02 14.40 36.22
N LYS B 366 -10.14 13.54 35.70
CA LYS B 366 -8.94 13.99 35.00
C LYS B 366 -9.34 14.65 33.69
N ALA B 367 -10.43 14.16 33.10
CA ALA B 367 -10.93 14.71 31.86
C ALA B 367 -11.55 16.09 32.09
N LYS B 368 -12.09 16.32 33.29
CA LYS B 368 -12.69 17.62 33.63
C LYS B 368 -11.59 18.67 33.83
N GLN B 369 -10.72 18.41 34.80
CA GLN B 369 -9.59 19.27 35.13
C GLN B 369 -8.87 19.72 33.87
N ASN B 370 -8.70 18.80 32.93
CA ASN B 370 -8.01 19.14 31.70
C ASN B 370 -8.71 20.23 30.90
N LEU B 371 -9.97 19.95 30.54
CA LEU B 371 -10.77 20.87 29.76
C LEU B 371 -10.82 22.28 30.36
N SER B 372 -10.75 22.37 31.69
CA SER B 372 -10.75 23.67 32.34
C SER B 372 -9.54 24.51 31.87
N ILE B 373 -8.32 23.95 31.95
CA ILE B 373 -7.08 24.60 31.50
C ILE B 373 -7.23 24.98 30.01
N MET B 374 -7.99 24.22 29.23
CA MET B 374 -8.18 24.58 27.80
C MET B 374 -9.18 25.70 27.62
N ILE B 375 -10.29 25.65 28.35
CA ILE B 375 -11.31 26.66 28.17
C ILE B 375 -10.88 28.00 28.72
N GLN B 376 -10.01 27.96 29.72
CA GLN B 376 -9.53 29.19 30.31
C GLN B 376 -8.45 29.82 29.44
N ASP B 377 -7.79 29.01 28.62
CA ASP B 377 -6.73 29.53 27.78
C ASP B 377 -7.22 30.02 26.40
N LEU B 378 -8.52 29.91 26.15
CA LEU B 378 -9.10 30.34 24.87
C LEU B 378 -9.66 31.78 24.90
N ASP B 379 -9.60 32.44 23.76
CA ASP B 379 -10.09 33.81 23.59
C ASP B 379 -10.71 34.02 22.19
N ILE B 380 -12.04 33.92 22.12
CA ILE B 380 -12.80 34.11 20.87
C ILE B 380 -13.47 35.47 20.86
N MET B 381 -13.50 36.07 19.67
CA MET B 381 -14.12 37.36 19.41
C MET B 381 -14.79 37.36 18.03
N MET B 382 -16.12 37.23 18.03
CA MET B 382 -16.87 37.21 16.76
C MET B 382 -17.10 38.65 16.25
N LEU B 383 -17.29 38.79 14.93
CA LEU B 383 -17.54 40.08 14.31
C LEU B 383 -18.48 39.92 13.10
N THR B 384 -19.34 40.92 12.88
CA THR B 384 -20.26 40.92 11.76
C THR B 384 -20.03 42.20 10.94
N PHE B 385 -19.04 42.14 10.07
CA PHE B 385 -18.72 43.29 9.23
C PHE B 385 -19.98 43.56 8.38
N HIS B 386 -20.75 44.56 8.77
CA HIS B 386 -21.97 44.90 8.04
C HIS B 386 -21.71 45.96 6.98
N HIS B 387 -20.53 46.58 7.04
CA HIS B 387 -20.11 47.63 6.11
C HIS B 387 -20.24 47.24 4.64
N PHE B 388 -19.89 46.00 4.32
CA PHE B 388 -20.00 45.48 2.96
C PHE B 388 -19.54 44.01 2.87
N GLY B 389 -19.87 43.37 1.76
CA GLY B 389 -19.51 41.98 1.57
C GLY B 389 -18.85 41.82 0.23
N LYS B 390 -18.97 40.66 -0.39
CA LYS B 390 -18.34 40.46 -1.69
C LYS B 390 -18.71 41.57 -2.63
N ASP B 391 -19.87 42.19 -2.38
CA ASP B 391 -20.42 43.29 -3.17
C ASP B 391 -19.44 44.40 -3.58
N PHE B 392 -18.74 44.99 -2.61
CA PHE B 392 -17.79 46.08 -2.92
C PHE B 392 -16.54 45.63 -3.70
N PRO B 393 -15.90 44.54 -3.24
CA PRO B 393 -14.70 44.03 -3.92
C PRO B 393 -14.98 43.70 -5.39
N LYS B 394 -16.17 43.16 -5.65
CA LYS B 394 -16.55 42.81 -7.01
C LYS B 394 -16.75 44.01 -7.92
N SER B 395 -17.28 45.10 -7.37
CA SER B 395 -17.51 46.31 -8.15
C SER B 395 -16.21 47.04 -8.44
N GLU B 396 -15.09 46.41 -8.07
CA GLU B 396 -13.75 46.97 -8.28
C GLU B 396 -12.91 46.10 -9.22
N LYS B 397 -13.51 45.00 -9.73
CA LYS B 397 -12.83 44.06 -10.61
C LYS B 397 -11.67 43.44 -9.85
N LEU B 398 -11.91 43.08 -8.60
CA LEU B 398 -10.87 42.49 -7.79
C LEU B 398 -11.49 41.37 -6.96
N SER B 399 -10.77 40.27 -6.86
CA SER B 399 -11.24 39.12 -6.12
C SER B 399 -11.54 39.43 -4.66
N PRO B 400 -12.76 39.11 -4.20
CA PRO B 400 -13.13 39.37 -2.81
C PRO B 400 -12.20 38.74 -1.78
N ASP B 401 -11.97 37.44 -1.89
CA ASP B 401 -11.11 36.77 -0.94
C ASP B 401 -9.72 37.40 -0.90
N ALA B 402 -9.26 37.89 -2.04
CA ALA B 402 -7.98 38.56 -2.17
C ALA B 402 -8.07 39.85 -1.36
N PHE B 403 -9.11 40.64 -1.64
CA PHE B 403 -9.37 41.89 -0.95
C PHE B 403 -9.35 41.60 0.57
N ILE B 404 -10.12 40.61 0.98
CA ILE B 404 -10.18 40.26 2.39
C ILE B 404 -8.83 39.79 2.96
N GLN B 405 -8.23 38.74 2.36
CA GLN B 405 -6.92 38.24 2.82
C GLN B 405 -5.91 39.37 2.91
N VAL B 406 -5.76 40.15 1.84
CA VAL B 406 -4.84 41.28 1.81
C VAL B 406 -5.13 42.26 2.94
N ALA B 407 -6.40 42.44 3.22
CA ALA B 407 -6.81 43.33 4.29
C ALA B 407 -6.32 42.77 5.62
N LEU B 408 -6.37 41.45 5.77
CA LEU B 408 -5.93 40.74 6.98
C LEU B 408 -4.43 40.93 7.17
N GLN B 409 -3.77 41.10 6.05
CA GLN B 409 -2.34 41.32 6.05
C GLN B 409 -2.11 42.74 6.52
N LEU B 410 -2.78 43.69 5.87
CA LEU B 410 -2.64 45.08 6.24
C LEU B 410 -2.92 45.30 7.71
N ALA B 411 -3.86 44.53 8.24
CA ALA B 411 -4.22 44.66 9.65
C ALA B 411 -3.15 44.13 10.57
N TYR B 412 -2.57 43.00 10.19
CA TYR B 412 -1.52 42.34 10.98
C TYR B 412 -0.28 43.25 11.04
N TYR B 413 0.06 43.91 9.94
CA TYR B 413 1.22 44.79 9.88
C TYR B 413 1.03 45.99 10.82
N ARG B 414 -0.19 46.50 10.91
CA ARG B 414 -0.48 47.64 11.76
C ARG B 414 -0.35 47.30 13.25
N ILE B 415 -0.69 46.06 13.60
CA ILE B 415 -0.63 45.57 14.97
C ILE B 415 0.77 45.24 15.48
N TYR B 416 1.43 44.33 14.77
CA TYR B 416 2.76 43.86 15.13
C TYR B 416 3.91 44.58 14.46
N GLY B 417 3.69 45.17 13.30
CA GLY B 417 4.78 45.86 12.64
C GLY B 417 5.62 44.97 11.75
N GLN B 418 5.04 43.85 11.29
CA GLN B 418 5.76 42.93 10.39
C GLN B 418 4.83 41.83 9.87
N ALA B 419 5.23 41.18 8.78
CA ALA B 419 4.46 40.08 8.20
C ALA B 419 4.73 38.82 9.00
N CYS B 420 3.86 37.84 8.86
CA CYS B 420 3.99 36.56 9.53
C CYS B 420 3.48 35.48 8.58
N ALA B 421 3.99 34.28 8.73
CA ALA B 421 3.58 33.20 7.86
C ALA B 421 2.06 32.99 7.95
N THR B 422 1.36 33.20 6.84
CA THR B 422 -0.08 33.03 6.84
C THR B 422 -0.58 31.91 5.91
N TYR B 423 -1.29 30.97 6.52
CA TYR B 423 -1.87 29.78 5.87
C TYR B 423 -3.35 29.87 5.55
N GLU B 424 -3.69 29.85 4.25
CA GLU B 424 -5.11 29.88 3.83
C GLU B 424 -5.54 28.66 3.01
N SER B 425 -6.50 27.90 3.52
CA SER B 425 -7.04 26.71 2.84
C SER B 425 -7.38 26.92 1.36
N ALA B 426 -6.97 25.97 0.52
CA ALA B 426 -7.25 26.05 -0.90
C ALA B 426 -7.70 24.66 -1.36
N SER B 427 -8.98 24.51 -1.73
CA SER B 427 -9.53 23.21 -2.15
C SER B 427 -8.81 22.57 -3.34
N LEU B 428 -8.47 21.30 -3.22
CA LEU B 428 -7.81 20.54 -4.29
C LEU B 428 -8.80 19.59 -4.91
N ARG B 429 -10.07 19.83 -4.63
CA ARG B 429 -11.16 18.97 -5.11
C ARG B 429 -11.33 18.74 -6.60
N MET B 430 -10.64 19.50 -7.44
CA MET B 430 -10.81 19.24 -8.87
C MET B 430 -10.00 18.02 -9.29
N PHE B 431 -9.42 17.35 -8.29
CA PHE B 431 -8.65 16.13 -8.49
C PHE B 431 -9.30 15.06 -7.60
N HIS B 432 -9.29 13.81 -8.05
CA HIS B 432 -9.86 12.71 -7.27
C HIS B 432 -9.27 12.62 -5.86
N LEU B 433 -10.14 12.68 -4.86
CA LEU B 433 -9.71 12.64 -3.46
C LEU B 433 -8.99 13.92 -3.03
N GLY B 434 -9.00 14.93 -3.87
CA GLY B 434 -8.34 16.18 -3.53
C GLY B 434 -8.77 16.67 -2.16
N ARG B 435 -7.81 17.01 -1.31
CA ARG B 435 -8.16 17.51 0.01
C ARG B 435 -7.90 19.00 0.06
N THR B 436 -6.69 19.39 0.46
CA THR B 436 -6.34 20.80 0.54
C THR B 436 -4.87 21.08 0.30
N ASP B 437 -4.60 22.13 -0.48
CA ASP B 437 -3.25 22.57 -0.78
C ASP B 437 -3.17 23.89 -0.01
N THR B 438 -1.98 24.48 0.15
CA THR B 438 -1.89 25.74 0.89
C THR B 438 -1.73 27.00 0.04
N ILE B 439 -2.26 28.10 0.58
CA ILE B 439 -2.14 29.40 -0.07
C ILE B 439 -1.48 30.26 1.00
N ARG B 440 -0.40 30.94 0.60
CA ARG B 440 0.33 31.81 1.50
C ARG B 440 0.00 33.23 1.13
N SER B 441 -0.87 33.82 1.95
CA SER B 441 -1.36 35.20 1.79
C SER B 441 -0.28 36.25 2.02
N ALA B 442 0.89 35.79 2.47
CA ALA B 442 2.02 36.67 2.72
C ALA B 442 2.99 36.50 1.56
N SER B 443 2.98 37.45 0.64
CA SER B 443 3.85 37.42 -0.51
C SER B 443 4.65 38.69 -0.58
N ILE B 444 5.45 38.81 -1.64
CA ILE B 444 6.28 40.01 -1.84
C ILE B 444 5.42 41.23 -2.14
N ASP B 445 4.30 41.02 -2.84
CA ASP B 445 3.41 42.10 -3.17
C ASP B 445 2.57 42.47 -1.94
N SER B 446 2.24 41.47 -1.14
CA SER B 446 1.48 41.67 0.08
C SER B 446 2.20 42.67 0.99
N LEU B 447 3.51 42.47 1.15
CA LEU B 447 4.32 43.35 2.00
C LEU B 447 4.47 44.75 1.37
N ALA B 448 4.82 44.79 0.09
CA ALA B 448 4.99 46.02 -0.67
C ALA B 448 3.77 46.91 -0.48
N PHE B 449 2.61 46.28 -0.40
CA PHE B 449 1.36 46.97 -0.22
C PHE B 449 1.17 47.47 1.20
N VAL B 450 1.12 46.59 2.19
CA VAL B 450 0.88 47.04 3.54
C VAL B 450 1.91 48.04 4.04
N LYS B 451 3.03 48.15 3.34
CA LYS B 451 4.08 49.08 3.69
C LYS B 451 3.81 50.42 3.03
N GLY B 452 3.30 50.40 1.80
CA GLY B 452 3.02 51.63 1.12
C GLY B 452 1.82 52.35 1.72
N MET B 453 0.83 51.56 2.15
CA MET B 453 -0.41 52.11 2.74
C MET B 453 -0.13 53.06 3.89
N GLY B 454 0.60 52.57 4.90
CA GLY B 454 0.95 53.39 6.04
C GLY B 454 2.19 54.23 5.80
N ASP B 455 2.63 54.30 4.55
CA ASP B 455 3.80 55.10 4.23
C ASP B 455 3.34 56.50 3.90
N SER B 456 3.44 57.40 4.89
CA SER B 456 3.02 58.79 4.73
C SER B 456 3.78 59.58 3.66
N THR B 457 4.49 58.88 2.77
CA THR B 457 5.20 59.58 1.70
C THR B 457 4.89 59.01 0.32
N VAL B 458 4.12 57.93 0.29
CA VAL B 458 3.74 57.30 -0.97
C VAL B 458 2.34 57.78 -1.37
N PRO B 459 2.25 58.52 -2.49
CA PRO B 459 0.98 59.02 -2.97
C PRO B 459 -0.09 57.97 -2.97
N GLU B 460 -1.32 58.39 -2.76
CA GLU B 460 -2.45 57.48 -2.73
C GLU B 460 -2.74 56.82 -4.08
N GLN B 461 -2.45 57.50 -5.18
CA GLN B 461 -2.69 56.92 -6.51
C GLN B 461 -1.81 55.68 -6.63
N GLN B 462 -0.71 55.72 -5.91
CA GLN B 462 0.25 54.64 -5.90
C GLN B 462 -0.24 53.49 -5.01
N LYS B 463 -0.62 53.82 -3.78
CA LYS B 463 -1.10 52.80 -2.84
C LYS B 463 -2.14 51.90 -3.51
N VAL B 464 -2.97 52.52 -4.34
CA VAL B 464 -3.99 51.79 -5.06
C VAL B 464 -3.33 50.81 -6.02
N GLU B 465 -2.29 51.27 -6.70
CA GLU B 465 -1.56 50.44 -7.65
C GLU B 465 -1.06 49.19 -6.96
N LEU B 466 -0.42 49.39 -5.81
CA LEU B 466 0.10 48.30 -5.03
C LEU B 466 -1.02 47.38 -4.55
N LEU B 467 -2.17 47.98 -4.25
CA LEU B 467 -3.29 47.20 -3.76
C LEU B 467 -3.80 46.24 -4.83
N ARG B 468 -3.65 46.62 -6.09
CA ARG B 468 -4.11 45.76 -7.16
C ARG B 468 -3.15 44.65 -7.48
N LYS B 469 -1.86 44.93 -7.40
CA LYS B 469 -0.87 43.90 -7.72
C LYS B 469 -0.96 42.80 -6.67
N ALA B 470 -1.04 43.20 -5.41
CA ALA B 470 -1.15 42.26 -4.30
C ALA B 470 -2.36 41.34 -4.48
N VAL B 471 -3.48 41.95 -4.89
CA VAL B 471 -4.70 41.19 -5.10
C VAL B 471 -4.53 40.23 -6.28
N GLN B 472 -4.18 40.76 -7.45
CA GLN B 472 -4.01 39.90 -8.63
C GLN B 472 -2.95 38.86 -8.38
N ALA B 473 -2.12 39.09 -7.36
CA ALA B 473 -1.08 38.14 -7.01
C ALA B 473 -1.73 37.00 -6.24
N HIS B 474 -2.45 37.37 -5.20
CA HIS B 474 -3.13 36.40 -4.34
C HIS B 474 -4.07 35.50 -5.17
N ARG B 475 -4.72 36.08 -6.17
CA ARG B 475 -5.64 35.29 -7.00
C ARG B 475 -4.83 34.42 -7.94
N ALA B 476 -3.64 34.87 -8.30
CA ALA B 476 -2.79 34.09 -9.18
C ALA B 476 -2.35 32.88 -8.36
N TYR B 477 -2.12 33.13 -7.08
CA TYR B 477 -1.70 32.08 -6.16
C TYR B 477 -2.84 31.08 -6.02
N THR B 478 -4.05 31.60 -5.90
CA THR B 478 -5.23 30.75 -5.77
C THR B 478 -5.37 29.86 -7.00
N ASP B 479 -5.29 30.45 -8.18
CA ASP B 479 -5.43 29.68 -9.42
C ASP B 479 -4.51 28.48 -9.40
N ARG B 480 -3.22 28.73 -9.15
CA ARG B 480 -2.25 27.65 -9.09
C ARG B 480 -2.67 26.66 -8.01
N ALA B 481 -2.96 27.18 -6.82
CA ALA B 481 -3.36 26.33 -5.71
C ALA B 481 -4.47 25.39 -6.19
N ILE B 482 -5.55 25.94 -6.72
CA ILE B 482 -6.69 25.16 -7.24
C ILE B 482 -6.24 23.93 -8.07
N ARG B 483 -5.34 24.20 -9.01
CA ARG B 483 -4.79 23.21 -9.93
C ARG B 483 -3.59 22.49 -9.34
N GLY B 484 -3.51 22.43 -8.01
CA GLY B 484 -2.39 21.76 -7.38
C GLY B 484 -1.05 22.19 -7.95
N GLU B 485 -0.76 23.49 -7.89
CA GLU B 485 0.50 24.03 -8.41
C GLU B 485 1.34 24.68 -7.33
N ALA B 486 0.80 24.77 -6.11
CA ALA B 486 1.49 25.38 -5.00
C ALA B 486 2.79 24.65 -4.69
N PHE B 487 3.07 24.43 -3.41
CA PHE B 487 4.29 23.73 -3.06
C PHE B 487 4.24 23.15 -1.67
N ASP B 488 3.45 23.74 -0.80
CA ASP B 488 3.41 23.24 0.54
C ASP B 488 3.17 21.77 0.69
N ARG B 489 2.24 21.24 -0.09
CA ARG B 489 1.96 19.81 0.00
C ARG B 489 3.06 19.06 -0.69
N HIS B 490 3.62 19.66 -1.74
CA HIS B 490 4.68 18.99 -2.46
C HIS B 490 5.93 18.83 -1.56
N LEU B 491 6.29 19.89 -0.84
CA LEU B 491 7.43 19.81 0.06
C LEU B 491 7.16 18.76 1.14
N LEU B 492 5.92 18.64 1.57
CA LEU B 492 5.59 17.64 2.57
C LEU B 492 5.76 16.22 1.98
N GLY B 493 5.61 16.09 0.66
CA GLY B 493 5.74 14.78 0.04
C GLY B 493 7.19 14.38 -0.08
N LEU B 494 8.03 15.39 -0.29
CA LEU B 494 9.46 15.21 -0.42
C LEU B 494 10.04 14.79 0.91
N LYS B 495 9.75 15.55 1.97
CA LYS B 495 10.24 15.20 3.31
C LYS B 495 9.74 13.82 3.71
N LEU B 496 8.49 13.53 3.37
CA LEU B 496 7.84 12.24 3.70
C LEU B 496 8.42 11.12 2.85
N GLN B 497 8.82 11.47 1.63
CA GLN B 497 9.44 10.54 0.69
C GLN B 497 10.90 10.32 1.08
N ALA B 498 11.48 11.27 1.82
CA ALA B 498 12.87 11.17 2.28
C ALA B 498 12.97 10.23 3.49
N ILE B 499 11.86 10.07 4.20
CA ILE B 499 11.84 9.21 5.37
C ILE B 499 11.61 7.76 4.95
N GLU B 500 10.66 7.55 4.05
CA GLU B 500 10.36 6.21 3.58
C GLU B 500 11.56 5.60 2.84
N ASP B 501 12.41 6.46 2.30
CA ASP B 501 13.63 6.05 1.57
C ASP B 501 14.79 5.85 2.55
N LEU B 502 14.48 5.88 3.85
CA LEU B 502 15.47 5.71 4.91
C LEU B 502 16.75 6.53 4.71
N VAL B 503 16.63 7.85 4.64
CA VAL B 503 17.78 8.71 4.43
C VAL B 503 17.76 9.98 5.27
N SER B 504 18.91 10.36 5.80
CA SER B 504 19.03 11.57 6.63
C SER B 504 18.19 12.72 6.09
N MET B 505 17.34 13.27 6.96
CA MET B 505 16.45 14.38 6.61
C MET B 505 17.22 15.50 5.93
N PRO B 506 16.83 15.84 4.71
CA PRO B 506 17.50 16.90 3.94
C PRO B 506 17.71 18.20 4.75
N ASP B 507 18.85 18.83 4.51
CA ASP B 507 19.20 20.05 5.22
C ASP B 507 18.20 21.17 4.97
N ILE B 508 17.40 21.03 3.93
CA ILE B 508 16.40 22.05 3.60
C ILE B 508 15.26 22.12 4.64
N PHE B 509 14.99 21.00 5.30
CA PHE B 509 13.92 20.90 6.32
C PHE B 509 14.43 21.14 7.74
N MET B 510 15.73 21.39 7.87
CA MET B 510 16.30 21.64 9.19
C MET B 510 16.65 23.12 9.22
N ASP B 511 16.36 23.80 8.12
CA ASP B 511 16.63 25.24 7.99
C ASP B 511 15.75 26.08 8.90
N THR B 512 16.23 27.27 9.23
CA THR B 512 15.48 28.19 10.07
C THR B 512 14.34 28.77 9.24
N SER B 513 14.57 29.02 7.95
CA SER B 513 13.51 29.56 7.10
C SER B 513 12.29 28.64 7.01
N TYR B 514 12.54 27.34 6.83
CA TYR B 514 11.47 26.37 6.74
C TYR B 514 10.63 26.28 8.01
N ALA B 515 11.27 26.34 9.18
CA ALA B 515 10.53 26.28 10.43
C ALA B 515 9.72 27.56 10.58
N ILE B 516 10.23 28.65 10.04
CA ILE B 516 9.51 29.92 10.11
C ILE B 516 8.27 29.81 9.23
N ALA B 517 8.48 29.43 7.98
CA ALA B 517 7.38 29.30 7.02
C ALA B 517 6.30 28.28 7.39
N MET B 518 6.61 27.35 8.28
CA MET B 518 5.65 26.34 8.67
C MET B 518 4.96 26.65 10.00
N HIS B 519 5.32 27.78 10.60
CA HIS B 519 4.75 28.24 11.88
C HIS B 519 3.80 29.40 11.51
N PHE B 520 2.52 29.09 11.35
CA PHE B 520 1.49 30.08 10.96
C PHE B 520 0.84 30.86 12.11
N ASN B 521 1.33 32.07 12.39
CA ASN B 521 0.77 32.89 13.44
C ASN B 521 -0.65 33.20 13.03
N LEU B 522 -0.86 33.15 11.72
CA LEU B 522 -2.18 33.37 11.15
C LEU B 522 -2.63 32.14 10.33
N SER B 523 -3.59 31.41 10.87
CA SER B 523 -4.16 30.23 10.19
C SER B 523 -5.61 30.55 9.82
N THR B 524 -5.89 30.78 8.54
CA THR B 524 -7.24 31.13 8.09
C THR B 524 -7.84 30.34 6.91
N SER B 525 -9.16 30.44 6.76
CA SER B 525 -9.87 29.80 5.67
C SER B 525 -11.26 30.40 5.50
N GLN B 526 -11.68 30.48 4.24
CA GLN B 526 -13.00 31.01 3.88
C GLN B 526 -13.97 29.84 3.81
N VAL B 527 -15.21 30.06 4.24
CA VAL B 527 -16.26 29.03 4.22
C VAL B 527 -17.60 29.64 3.83
N PRO B 528 -17.84 29.81 2.52
CA PRO B 528 -19.09 30.39 2.02
C PRO B 528 -20.32 29.56 2.36
N ALA B 529 -21.44 30.22 2.64
CA ALA B 529 -22.66 29.51 2.98
C ALA B 529 -23.86 30.43 2.79
N LYS B 530 -24.93 29.89 2.21
CA LYS B 530 -26.13 30.70 1.98
C LYS B 530 -26.75 31.06 3.32
N THR B 531 -26.58 30.18 4.29
CA THR B 531 -27.08 30.38 5.64
C THR B 531 -26.25 31.52 6.27
N ASP B 532 -26.77 32.11 7.34
CA ASP B 532 -26.06 33.19 8.01
C ASP B 532 -25.37 32.58 9.21
N CYS B 533 -24.30 31.86 8.89
CA CYS B 533 -23.50 31.14 9.89
C CYS B 533 -22.02 31.49 9.71
N VAL B 534 -21.19 31.05 10.66
CA VAL B 534 -19.74 31.30 10.60
C VAL B 534 -18.95 30.16 11.26
N MET B 535 -17.89 29.70 10.61
CA MET B 535 -17.14 28.61 11.19
C MET B 535 -15.98 29.12 12.03
N PHE B 536 -15.54 28.31 12.99
CA PHE B 536 -14.45 28.76 13.82
C PHE B 536 -13.62 27.68 14.49
N PHE B 537 -12.35 28.02 14.74
CA PHE B 537 -11.35 27.14 15.36
C PHE B 537 -10.21 27.89 16.03
N GLY B 538 -9.61 27.27 17.06
CA GLY B 538 -8.51 27.90 17.75
C GLY B 538 -7.26 28.00 16.87
N PRO B 539 -6.21 28.68 17.36
CA PRO B 539 -4.98 28.84 16.58
C PRO B 539 -4.13 27.57 16.65
N VAL B 540 -3.24 27.43 15.69
CA VAL B 540 -2.34 26.28 15.64
C VAL B 540 -1.18 26.53 16.58
N VAL B 541 -0.56 27.71 16.50
CA VAL B 541 0.56 28.02 17.37
C VAL B 541 0.05 28.71 18.64
N PRO B 542 0.87 28.72 19.71
CA PRO B 542 0.53 29.33 21.00
C PRO B 542 0.43 30.86 20.89
N ASP B 543 1.14 31.41 19.91
CA ASP B 543 1.16 32.84 19.68
C ASP B 543 0.54 33.17 18.32
N GLY B 544 -0.57 32.50 18.01
CA GLY B 544 -1.20 32.74 16.74
C GLY B 544 -2.69 32.97 16.86
N TYR B 545 -3.30 33.30 15.73
CA TYR B 545 -4.73 33.57 15.63
C TYR B 545 -5.45 32.54 14.73
N GLY B 546 -6.71 32.28 15.07
CA GLY B 546 -7.53 31.37 14.30
C GLY B 546 -8.63 32.23 13.72
N ILE B 547 -8.55 32.51 12.43
CA ILE B 547 -9.54 33.34 11.77
C ILE B 547 -10.26 32.64 10.61
N CYS B 548 -11.59 32.67 10.66
CA CYS B 548 -12.44 32.10 9.63
C CYS B 548 -13.57 33.05 9.22
N TYR B 549 -14.11 32.88 8.03
CA TYR B 549 -15.15 33.79 7.58
C TYR B 549 -16.05 33.34 6.42
N ASN B 550 -17.28 33.88 6.40
CA ASN B 550 -18.30 33.62 5.39
C ASN B 550 -18.69 34.97 4.78
N PRO B 551 -18.08 35.29 3.62
CA PRO B 551 -18.31 36.53 2.89
C PRO B 551 -19.52 36.49 1.98
N MET B 552 -20.68 36.80 2.54
CA MET B 552 -21.88 36.82 1.71
C MET B 552 -21.91 38.17 1.02
N GLU B 553 -22.83 38.31 0.08
CA GLU B 553 -22.97 39.51 -0.73
C GLU B 553 -22.94 40.86 0.00
N ALA B 554 -23.69 41.00 1.09
CA ALA B 554 -23.80 42.26 1.82
C ALA B 554 -22.89 42.39 3.03
N HIS B 555 -22.83 41.34 3.86
CA HIS B 555 -21.95 41.40 5.01
C HIS B 555 -20.95 40.24 5.04
N ILE B 556 -20.13 40.16 6.10
CA ILE B 556 -19.10 39.12 6.22
C ILE B 556 -19.00 38.68 7.68
N ASN B 557 -19.21 37.39 7.91
CA ASN B 557 -19.16 36.84 9.26
C ASN B 557 -17.75 36.43 9.65
N PHE B 558 -17.19 37.07 10.68
CA PHE B 558 -15.84 36.76 11.11
C PHE B 558 -15.77 36.17 12.54
N SER B 559 -14.85 35.21 12.73
CA SER B 559 -14.59 34.57 14.03
C SER B 559 -13.07 34.73 14.25
N VAL B 560 -12.65 34.92 15.50
CA VAL B 560 -11.22 35.12 15.82
C VAL B 560 -10.86 34.51 17.16
N SER B 561 -9.86 33.64 17.14
CA SER B 561 -9.39 32.93 18.33
C SER B 561 -7.93 33.27 18.64
N ALA B 562 -7.57 33.18 19.91
CA ALA B 562 -6.22 33.48 20.38
C ALA B 562 -5.97 32.81 21.70
N TYR B 563 -4.73 32.73 22.13
CA TYR B 563 -4.45 32.09 23.38
C TYR B 563 -4.00 33.12 24.42
N ASN B 564 -4.52 32.94 25.63
CA ASN B 564 -4.22 33.83 26.73
C ASN B 564 -2.80 33.62 27.25
N SER B 565 -2.29 32.39 27.08
CA SER B 565 -0.95 32.03 27.52
C SER B 565 0.01 32.88 26.72
N CYS B 566 -0.53 33.55 25.74
CA CYS B 566 0.27 34.42 24.90
C CYS B 566 -0.21 35.86 25.08
N ALA B 567 0.65 36.65 25.71
CA ALA B 567 0.38 38.05 25.97
C ALA B 567 0.27 38.91 24.72
N GLU B 568 0.97 38.55 23.66
CA GLU B 568 0.92 39.33 22.41
C GLU B 568 -0.28 39.00 21.48
N THR B 569 -1.26 38.24 21.94
CA THR B 569 -2.42 37.96 21.10
C THR B 569 -3.69 38.42 21.75
N ASN B 570 -4.51 39.14 21.01
CA ASN B 570 -5.78 39.57 21.57
C ASN B 570 -6.86 39.52 20.53
N ALA B 571 -7.83 38.62 20.72
CA ALA B 571 -8.93 38.44 19.74
C ALA B 571 -9.57 39.74 19.32
N ALA B 572 -10.41 40.27 20.19
CA ALA B 572 -11.11 41.54 19.95
C ALA B 572 -10.25 42.56 19.22
N ARG B 573 -8.98 42.67 19.66
CA ARG B 573 -8.07 43.64 19.04
C ARG B 573 -7.72 43.29 17.60
N MET B 574 -7.58 42.00 17.29
CA MET B 574 -7.27 41.58 15.92
C MET B 574 -8.51 41.84 15.06
N ALA B 575 -9.69 41.68 15.66
CA ALA B 575 -10.97 41.92 14.99
C ALA B 575 -11.15 43.42 14.67
N HIS B 576 -10.76 44.29 15.61
CA HIS B 576 -10.88 45.73 15.42
C HIS B 576 -9.99 46.28 14.31
N TYR B 577 -8.76 45.78 14.20
CA TYR B 577 -7.85 46.26 13.16
C TYR B 577 -8.17 45.67 11.80
N LEU B 578 -8.74 44.47 11.79
CA LEU B 578 -9.14 43.81 10.55
C LEU B 578 -10.26 44.63 9.96
N GLU B 579 -11.32 44.80 10.73
CA GLU B 579 -12.45 45.61 10.30
C GLU B 579 -11.93 46.94 9.77
N LYS B 580 -11.15 47.64 10.59
CA LYS B 580 -10.60 48.94 10.25
C LYS B 580 -9.88 48.97 8.93
N ALA B 581 -8.97 48.03 8.74
CA ALA B 581 -8.24 47.97 7.50
C ALA B 581 -9.22 47.61 6.35
N LEU B 582 -10.20 46.74 6.60
CA LEU B 582 -11.17 46.39 5.54
C LEU B 582 -11.83 47.66 5.06
N LEU B 583 -12.05 48.58 5.99
CA LEU B 583 -12.65 49.86 5.68
C LEU B 583 -11.66 50.82 5.00
N ASP B 584 -10.39 50.80 5.41
CA ASP B 584 -9.41 51.70 4.79
C ASP B 584 -9.19 51.41 3.30
N MET B 585 -9.17 50.13 2.92
CA MET B 585 -9.01 49.73 1.51
C MET B 585 -10.19 50.26 0.64
N ARG B 586 -11.40 50.25 1.19
CA ARG B 586 -12.55 50.75 0.44
C ARG B 586 -12.41 52.25 0.23
N THR B 587 -12.29 52.98 1.34
CA THR B 587 -12.15 54.41 1.26
C THR B 587 -11.09 54.79 0.25
N LEU B 588 -9.93 54.14 0.32
CA LEU B 588 -8.84 54.44 -0.60
C LEU B 588 -9.24 54.23 -2.04
N LEU B 589 -9.85 53.07 -2.30
CA LEU B 589 -10.29 52.75 -3.65
C LEU B 589 -11.55 53.54 -3.98
N GLN B 590 -12.13 54.18 -2.98
CA GLN B 590 -13.34 54.98 -3.21
C GLN B 590 -12.96 56.40 -3.67
N ASN B 591 -11.75 56.82 -3.31
CA ASN B 591 -11.22 58.16 -3.64
C ASN B 591 -10.39 58.19 -4.93
N HIS B 592 -10.20 57.02 -5.53
CA HIS B 592 -9.42 56.85 -6.77
C HIS B 592 -9.93 55.69 -7.66
N PRO B 593 -11.05 55.87 -8.37
CA PRO B 593 -11.58 54.81 -9.23
C PRO B 593 -10.67 54.60 -10.42
N ARG B 594 -11.28 54.56 -11.60
CA ARG B 594 -10.54 54.39 -12.84
C ARG B 594 -11.33 55.05 -13.98
N ALA B 595 -12.39 55.77 -13.60
CA ALA B 595 -13.25 56.47 -14.57
C ALA B 595 -13.28 57.97 -14.33
N LYS B 596 -12.82 58.75 -15.31
CA LYS B 596 -12.77 60.21 -15.24
C LYS B 596 -11.85 60.71 -14.13
#